data_5NQA
#
_entry.id   5NQA
#
_cell.length_a   65.447
_cell.length_b   79.881
_cell.length_c   88.614
_cell.angle_alpha   116.47
_cell.angle_beta   96.74
_cell.angle_gamma   104.72
#
_symmetry.space_group_name_H-M   'P 1'
#
loop_
_entity.id
_entity.type
_entity.pdbx_description
1 polymer 'Polypeptide N-acetylgalactosaminyltransferase 4'
2 polymer 'Monoglycopeptide 3'
3 non-polymer 1,2-ETHANEDIOL
4 non-polymer GLYCEROL
5 non-polymer 2-acetamido-2-deoxy-beta-D-galactopyranose
6 water water
#
loop_
_entity_poly.entity_id
_entity_poly.type
_entity_poly.pdbx_seq_one_letter_code
_entity_poly.pdbx_strand_id
1 'polypeptide(L)'
;MAVRWTWAGKSCLLLAFLTVAYIFVELLVSTFHASAGAGRARELGSRRLSDLQKNTEDLSRPLYKKPPADSRALGEWGKA
SKLQLNEDELKQQEELIERYAINIYLSDRISLHRHIEDKRMYECKSQKFNYRTLPTTSVIIAFYNEAWSTLLRTIHSVLE
TSPAVLLKEIILVDDLSDRVYLKTQLETYISNLDRVRLIRTNKREGLVRARLIGATFATGDVLTFLDCHCECNSGWLEPL
LERIGRDETAVVCPVIDTIDWNTFEFYMQIGEPMIGGFDWRLTFQWHSVPKQERDRRISRIDPIRSPTMAGGLFAVSKKY
FQYLGTYDTGMEVWGGENLELSFRVWQCGGKLEIHPCSHVGHVFPKRAPYARPNFLQNTARAAEVWMDEYKEHFYNRNPP
ARKEAYGDISERKLLRERLRCKSFDWYLKNVFPNLHVPEDRPGWHGAIRSRGISSECLDYNSPDNNPTGANLSLFGCHGQ
GGNQFFEYTSNKEIRFNSVTELCAEVPEQKNYVGMQNCPKDGFPVPANIIWHFKEDGTIFHPHSGLCLSAYRTPEGRPDV
QMRTCDALDKNQIWSFEK
;
A,B
2 'polypeptide(L)' GATGAGAGAGTTPGPG G
#
loop_
_chem_comp.id
_chem_comp.type
_chem_comp.name
_chem_comp.formula
EDO non-polymer 1,2-ETHANEDIOL 'C2 H6 O2'
GOL non-polymer GLYCEROL 'C3 H8 O3'
NGA D-saccharide, beta linking 2-acetamido-2-deoxy-beta-D-galactopyranose 'C8 H15 N O6'
#
# COMPACT_ATOMS: atom_id res chain seq x y z
N ASP A 58 -3.91 15.94 22.91
CA ASP A 58 -2.74 15.11 22.49
C ASP A 58 -3.24 13.74 22.01
N LEU A 59 -3.29 13.54 20.71
CA LEU A 59 -3.80 12.29 20.12
C LEU A 59 -2.89 11.07 20.31
N SER A 60 -1.69 11.33 20.83
CA SER A 60 -0.78 10.28 21.23
C SER A 60 -1.28 9.65 22.52
N ARG A 61 -2.19 10.32 23.27
CA ARG A 61 -2.61 9.81 24.59
C ARG A 61 -3.07 8.34 24.57
N PRO A 62 -2.60 7.52 25.54
CA PRO A 62 -3.06 6.16 25.64
C PRO A 62 -4.41 6.07 26.35
N LEU A 63 -5.05 4.90 26.28
CA LEU A 63 -6.28 4.68 27.03
C LEU A 63 -6.12 4.80 28.53
N TYR A 64 -4.99 4.38 29.06
CA TYR A 64 -4.72 4.47 30.50
C TYR A 64 -3.30 4.98 30.63
N LYS A 65 -3.06 5.82 31.62
CA LYS A 65 -1.76 6.45 31.81
C LYS A 65 -0.95 5.67 32.83
N LYS A 66 0.37 5.52 32.63
CA LYS A 66 1.21 4.94 33.67
C LYS A 66 1.19 5.88 34.83
N PRO A 67 1.25 5.35 36.06
CA PRO A 67 1.49 6.23 37.19
C PRO A 67 2.88 6.82 37.07
N PRO A 68 3.15 7.92 37.80
CA PRO A 68 4.50 8.49 37.76
C PRO A 68 5.59 7.46 38.05
N ALA A 69 6.71 7.57 37.36
CA ALA A 69 7.84 6.67 37.61
C ALA A 69 8.31 6.83 39.06
N ASP A 70 8.78 5.72 39.65
CA ASP A 70 9.24 5.70 41.04
C ASP A 70 10.54 4.93 41.08
N SER A 71 11.65 5.67 41.18
CA SER A 71 13.00 5.08 41.17
C SER A 71 13.37 4.27 42.41
N ARG A 72 12.54 4.34 43.45
CA ARG A 72 12.64 3.47 44.63
C ARG A 72 12.04 2.08 44.39
N ALA A 73 11.15 1.99 43.40
CA ALA A 73 10.34 0.80 43.18
C ALA A 73 11.12 -0.28 42.47
N LEU A 74 10.83 -1.52 42.84
CA LEU A 74 11.55 -2.68 42.34
C LEU A 74 11.40 -2.81 40.80
N GLY A 75 12.54 -2.87 40.12
CA GLY A 75 12.56 -2.99 38.65
C GLY A 75 12.07 -1.81 37.81
N GLU A 76 11.95 -0.64 38.42
CA GLU A 76 11.61 0.56 37.69
C GLU A 76 12.62 0.81 36.55
N TRP A 77 12.11 1.33 35.45
CA TRP A 77 12.86 1.60 34.22
C TRP A 77 13.37 0.36 33.49
N GLY A 78 12.98 -0.84 33.90
CA GLY A 78 13.58 -2.06 33.36
C GLY A 78 14.97 -2.45 33.87
N LYS A 79 15.39 -1.84 34.98
CA LYS A 79 16.65 -2.20 35.57
C LYS A 79 16.55 -3.57 36.22
N ALA A 80 17.70 -4.21 36.43
CA ALA A 80 17.75 -5.52 37.08
C ALA A 80 17.08 -5.44 38.44
N SER A 81 16.45 -6.52 38.86
CA SER A 81 15.94 -6.61 40.23
C SER A 81 16.59 -7.79 40.96
N LYS A 82 16.92 -7.55 42.22
CA LYS A 82 17.31 -8.59 43.15
C LYS A 82 16.72 -8.28 44.53
N LEU A 83 16.09 -9.30 45.10
CA LEU A 83 15.48 -9.24 46.40
C LEU A 83 16.42 -9.90 47.45
N GLN A 84 16.28 -9.46 48.71
CA GLN A 84 16.95 -10.12 49.87
C GLN A 84 15.92 -11.06 50.48
N LEU A 85 16.13 -12.36 50.33
CA LEU A 85 15.11 -13.30 50.77
C LEU A 85 15.63 -14.16 51.91
N ASN A 86 14.78 -14.39 52.90
CA ASN A 86 15.07 -15.37 53.94
C ASN A 86 14.92 -16.77 53.33
N GLU A 87 15.08 -17.81 54.13
CA GLU A 87 15.19 -19.17 53.59
C GLU A 87 13.84 -19.75 53.15
N ASP A 88 12.74 -19.40 53.82
CA ASP A 88 11.41 -19.81 53.32
C ASP A 88 11.05 -19.09 52.01
N GLU A 89 11.35 -17.79 51.94
CA GLU A 89 11.10 -17.00 50.74
C GLU A 89 11.88 -17.54 49.54
N LEU A 90 13.12 -17.96 49.76
CA LEU A 90 13.93 -18.61 48.71
C LEU A 90 13.29 -19.88 48.18
N LYS A 91 12.71 -20.69 49.07
CA LYS A 91 12.01 -21.91 48.69
C LYS A 91 10.80 -21.60 47.75
N GLN A 92 10.05 -20.55 48.11
CA GLN A 92 8.91 -20.09 47.36
C GLN A 92 9.35 -19.60 45.97
N GLN A 93 10.43 -18.82 45.91
CA GLN A 93 10.95 -18.30 44.64
C GLN A 93 11.36 -19.46 43.71
N GLU A 94 12.11 -20.42 44.26
CA GLU A 94 12.59 -21.56 43.46
C GLU A 94 11.41 -22.42 42.95
N GLU A 95 10.37 -22.58 43.79
CA GLU A 95 9.16 -23.34 43.39
C GLU A 95 8.47 -22.74 42.17
N LEU A 96 8.35 -21.42 42.17
CA LEU A 96 7.69 -20.75 41.04
C LEU A 96 8.53 -20.80 39.74
N ILE A 97 9.85 -20.67 39.85
CA ILE A 97 10.74 -20.88 38.71
C ILE A 97 10.63 -22.31 38.19
N GLU A 98 10.55 -23.28 39.09
CA GLU A 98 10.39 -24.69 38.66
C GLU A 98 9.08 -24.86 37.89
N ARG A 99 8.02 -24.19 38.31
CA ARG A 99 6.73 -24.29 37.64
C ARG A 99 6.60 -23.44 36.37
N TYR A 100 7.14 -22.22 36.37
CA TYR A 100 6.90 -21.26 35.28
C TYR A 100 8.10 -21.02 34.35
N ALA A 101 9.29 -21.48 34.75
CA ALA A 101 10.55 -21.15 34.02
C ALA A 101 10.81 -19.63 33.91
N ILE A 102 10.20 -18.91 34.84
CA ILE A 102 10.35 -17.45 34.97
C ILE A 102 10.29 -17.17 36.48
N ASN A 103 11.01 -16.14 36.92
CA ASN A 103 10.97 -15.74 38.32
C ASN A 103 9.70 -14.96 38.62
N ILE A 104 8.66 -15.75 38.80
CA ILE A 104 7.33 -15.23 39.10
C ILE A 104 7.28 -14.61 40.49
N TYR A 105 8.01 -15.16 41.45
CA TYR A 105 8.10 -14.52 42.77
C TYR A 105 8.52 -13.05 42.64
N LEU A 106 9.52 -12.79 41.80
CA LEU A 106 9.99 -11.46 41.53
C LEU A 106 9.01 -10.63 40.68
N SER A 107 8.47 -11.23 39.62
CA SER A 107 7.47 -10.55 38.77
C SER A 107 6.29 -10.09 39.60
N ASP A 108 5.88 -10.90 40.56
CA ASP A 108 4.76 -10.53 41.41
C ASP A 108 4.98 -9.30 42.25
N ARG A 109 6.24 -8.91 42.46
CA ARG A 109 6.64 -7.74 43.22
C ARG A 109 7.12 -6.56 42.38
N ILE A 110 7.13 -6.72 41.06
CA ILE A 110 7.40 -5.61 40.16
C ILE A 110 6.06 -5.05 39.66
N SER A 111 5.99 -3.73 39.55
CA SER A 111 4.74 -3.07 39.12
C SER A 111 4.26 -3.63 37.81
N LEU A 112 2.95 -3.89 37.69
CA LEU A 112 2.33 -4.25 36.44
C LEU A 112 2.36 -3.13 35.39
N HIS A 113 2.70 -1.91 35.85
CA HIS A 113 2.72 -0.69 35.07
C HIS A 113 4.09 -0.01 34.96
N ARG A 114 5.17 -0.75 35.21
CA ARG A 114 6.48 -0.12 35.31
C ARG A 114 6.86 0.59 34.00
N HIS A 115 7.68 1.62 34.13
CA HIS A 115 8.33 2.23 33.00
C HIS A 115 9.48 1.40 32.47
N ILE A 116 9.74 1.53 31.18
CA ILE A 116 10.98 1.03 30.58
C ILE A 116 11.71 2.24 30.04
N GLU A 117 13.01 2.33 30.33
CA GLU A 117 13.80 3.43 29.85
C GLU A 117 14.00 3.28 28.36
N ASP A 118 13.73 4.37 27.67
CA ASP A 118 13.80 4.42 26.21
C ASP A 118 15.21 4.84 25.77
N LYS A 119 15.96 3.93 25.17
CA LYS A 119 17.35 4.13 24.79
C LYS A 119 17.49 4.01 23.29
N ARG A 120 16.39 4.17 22.55
CA ARG A 120 16.43 4.09 21.11
C ARG A 120 17.32 5.16 20.47
N MET A 121 17.68 4.93 19.22
CA MET A 121 18.32 5.95 18.40
C MET A 121 17.56 7.31 18.51
N TYR A 122 18.32 8.37 18.74
CA TYR A 122 17.75 9.75 18.92
C TYR A 122 16.73 10.19 17.82
N GLU A 123 16.98 9.86 16.56
CA GLU A 123 16.04 10.20 15.53
C GLU A 123 14.64 9.56 15.78
N CYS A 124 14.61 8.34 16.30
CA CYS A 124 13.35 7.66 16.65
C CYS A 124 12.48 8.52 17.56
N LYS A 125 13.07 9.20 18.53
CA LYS A 125 12.31 9.87 19.58
C LYS A 125 11.81 11.27 19.14
N SER A 126 12.33 11.76 18.01
CA SER A 126 11.87 13.06 17.47
C SER A 126 10.90 12.88 16.28
N GLN A 127 10.54 11.66 15.91
CA GLN A 127 9.58 11.48 14.81
C GLN A 127 8.22 12.08 15.20
N LYS A 128 7.54 12.68 14.22
CA LYS A 128 6.16 13.13 14.31
C LYS A 128 5.24 12.16 13.54
N PHE A 129 4.05 11.96 14.05
CA PHE A 129 3.03 11.16 13.38
C PHE A 129 1.71 11.92 13.09
N ASN A 130 1.03 11.55 12.00
CA ASN A 130 -0.35 12.00 11.78
C ASN A 130 -1.32 10.99 12.33
N TYR A 131 -1.71 11.19 13.58
CA TYR A 131 -2.65 10.31 14.23
C TYR A 131 -4.03 10.20 13.60
N ARG A 132 -4.47 11.22 12.87
CA ARG A 132 -5.76 11.17 12.18
C ARG A 132 -5.74 10.29 10.96
N THR A 133 -4.58 10.08 10.35
CA THR A 133 -4.48 9.21 9.18
C THR A 133 -3.79 7.83 9.38
N LEU A 134 -3.15 7.56 10.52
CA LEU A 134 -2.57 6.24 10.73
C LEU A 134 -3.70 5.16 10.79
N PRO A 135 -3.38 3.91 10.41
CA PRO A 135 -4.32 2.83 10.59
C PRO A 135 -4.48 2.35 12.05
N THR A 136 -5.60 1.72 12.35
CA THR A 136 -5.86 1.21 13.66
C THR A 136 -5.30 -0.22 13.75
N THR A 137 -5.14 -0.71 14.95
CA THR A 137 -4.68 -2.09 15.13
C THR A 137 -5.52 -2.84 16.15
N SER A 138 -5.59 -4.15 15.94
CA SER A 138 -6.07 -5.10 16.92
C SER A 138 -4.81 -5.82 17.40
N VAL A 139 -4.53 -5.74 18.70
CA VAL A 139 -3.41 -6.49 19.31
C VAL A 139 -3.88 -7.90 19.75
N ILE A 140 -3.17 -8.95 19.28
CA ILE A 140 -3.58 -10.34 19.51
C ILE A 140 -2.51 -10.98 20.37
N ILE A 141 -2.94 -11.55 21.53
CA ILE A 141 -2.04 -12.20 22.44
C ILE A 141 -2.64 -13.56 22.81
N ALA A 142 -2.01 -14.64 22.38
CA ALA A 142 -2.39 -15.97 22.77
C ALA A 142 -1.61 -16.37 24.05
N PHE A 143 -2.21 -17.18 24.91
CA PHE A 143 -1.53 -17.69 26.15
C PHE A 143 -1.97 -19.07 26.52
N TYR A 144 -1.07 -19.81 27.15
CA TYR A 144 -1.36 -21.10 27.74
C TYR A 144 -0.69 -21.15 29.13
N ASN A 145 -1.48 -21.11 30.18
CA ASN A 145 -0.98 -21.31 31.58
C ASN A 145 0.06 -20.26 32.01
N GLU A 146 -0.13 -19.05 31.49
CA GLU A 146 0.75 -17.92 31.77
C GLU A 146 0.47 -17.49 33.19
N ALA A 147 1.53 -17.10 33.88
CA ALA A 147 1.45 -16.59 35.22
C ALA A 147 0.68 -15.27 35.17
N TRP A 148 0.01 -14.99 36.29
CA TRP A 148 -0.88 -13.81 36.39
C TRP A 148 -0.12 -12.52 36.14
N SER A 149 0.99 -12.32 36.87
CA SER A 149 1.72 -11.04 36.81
C SER A 149 2.38 -10.74 35.45
N THR A 150 2.94 -11.76 34.79
CA THR A 150 3.43 -11.55 33.44
C THR A 150 2.32 -11.33 32.35
N LEU A 151 1.25 -12.13 32.40
CA LEU A 151 0.12 -11.90 31.54
C LEU A 151 -0.45 -10.48 31.74
N LEU A 152 -0.69 -10.06 32.96
CA LEU A 152 -1.27 -8.72 33.17
C LEU A 152 -0.30 -7.57 32.84
N ARG A 153 1.00 -7.75 33.09
CA ARG A 153 1.95 -6.67 32.81
C ARG A 153 1.92 -6.45 31.30
N THR A 154 1.79 -7.53 30.52
CA THR A 154 1.69 -7.37 29.08
C THR A 154 0.50 -6.47 28.71
N ILE A 155 -0.68 -6.79 29.24
CA ILE A 155 -1.91 -6.13 28.89
C ILE A 155 -1.83 -4.64 29.24
N HIS A 156 -1.37 -4.37 30.46
CA HIS A 156 -1.25 -2.99 30.95
C HIS A 156 -0.22 -2.24 30.12
N SER A 157 0.84 -2.94 29.76
CA SER A 157 1.88 -2.32 28.94
C SER A 157 1.33 -1.89 27.62
N VAL A 158 0.56 -2.75 26.98
CA VAL A 158 -0.06 -2.37 25.67
C VAL A 158 -1.02 -1.17 25.88
N LEU A 159 -1.86 -1.27 26.88
CA LEU A 159 -2.85 -0.24 27.17
C LEU A 159 -2.19 1.12 27.48
N GLU A 160 -1.02 1.10 28.10
CA GLU A 160 -0.38 2.34 28.59
C GLU A 160 0.60 2.94 27.65
N THR A 161 1.05 2.18 26.66
CA THR A 161 2.05 2.67 25.70
C THR A 161 1.51 2.87 24.29
N SER A 162 0.25 2.49 24.07
CA SER A 162 -0.38 2.59 22.74
C SER A 162 -1.35 3.79 22.66
N PRO A 163 -1.20 4.65 21.64
CA PRO A 163 -2.27 5.66 21.44
C PRO A 163 -3.68 5.08 21.36
N ALA A 164 -4.58 5.67 22.17
CA ALA A 164 -6.00 5.25 22.17
C ALA A 164 -6.62 5.33 20.79
N VAL A 165 -6.36 6.42 20.05
CA VAL A 165 -6.91 6.55 18.69
C VAL A 165 -6.52 5.42 17.73
N LEU A 166 -5.43 4.70 17.99
CA LEU A 166 -4.94 3.61 17.12
C LEU A 166 -5.24 2.18 17.64
N LEU A 167 -5.48 2.02 18.95
CA LEU A 167 -5.74 0.73 19.61
C LEU A 167 -7.22 0.47 19.60
N LYS A 168 -7.67 -0.25 18.59
CA LYS A 168 -9.04 -0.66 18.47
C LYS A 168 -9.41 -1.69 19.57
N GLU A 169 -8.50 -2.62 19.90
CA GLU A 169 -8.79 -3.69 20.83
C GLU A 169 -7.57 -4.53 21.11
N ILE A 170 -7.53 -5.11 22.30
CA ILE A 170 -6.64 -6.22 22.64
C ILE A 170 -7.48 -7.49 22.67
N ILE A 171 -7.09 -8.49 21.89
CA ILE A 171 -7.80 -9.78 21.84
C ILE A 171 -6.90 -10.80 22.50
N LEU A 172 -7.29 -11.23 23.69
CA LEU A 172 -6.57 -12.30 24.38
C LEU A 172 -7.11 -13.65 23.94
N VAL A 173 -6.23 -14.61 23.67
CA VAL A 173 -6.68 -15.92 23.28
C VAL A 173 -6.16 -16.94 24.29
N ASP A 174 -7.10 -17.49 25.07
CA ASP A 174 -6.83 -18.53 25.99
C ASP A 174 -6.83 -19.83 25.20
N ASP A 175 -5.65 -20.38 25.01
CA ASP A 175 -5.46 -21.64 24.32
C ASP A 175 -5.58 -22.83 25.31
N LEU A 176 -6.81 -23.08 25.77
CA LEU A 176 -7.14 -24.15 26.69
C LEU A 176 -6.22 -24.24 27.91
N SER A 177 -6.12 -23.12 28.61
CA SER A 177 -5.41 -23.06 29.86
C SER A 177 -6.14 -23.94 30.91
N ASP A 178 -5.38 -24.45 31.86
CA ASP A 178 -5.98 -25.15 33.05
C ASP A 178 -5.71 -24.48 34.33
N ARG A 179 -4.91 -23.42 34.39
CA ARG A 179 -4.81 -22.67 35.64
C ARG A 179 -6.18 -22.13 35.98
N VAL A 180 -6.56 -22.34 37.24
CA VAL A 180 -7.86 -21.95 37.71
C VAL A 180 -8.08 -20.45 37.67
N TYR A 181 -7.05 -19.64 37.94
CA TYR A 181 -7.19 -18.18 37.87
C TYR A 181 -7.45 -17.65 36.43
N LEU A 182 -7.14 -18.45 35.40
CA LEU A 182 -7.37 -18.03 34.01
C LEU A 182 -8.80 -18.36 33.51
N LYS A 183 -9.63 -18.95 34.38
CA LYS A 183 -11.06 -19.05 34.11
C LYS A 183 -11.79 -17.78 34.60
N THR A 184 -12.59 -17.91 35.66
CA THR A 184 -13.39 -16.81 36.17
C THR A 184 -12.62 -15.53 36.53
N GLN A 185 -11.53 -15.67 37.24
CA GLN A 185 -10.82 -14.49 37.76
C GLN A 185 -10.28 -13.52 36.65
N LEU A 186 -9.73 -14.12 35.61
CA LEU A 186 -9.24 -13.33 34.46
C LEU A 186 -10.34 -12.52 33.80
N GLU A 187 -11.54 -13.12 33.64
CA GLU A 187 -12.62 -12.42 32.99
C GLU A 187 -13.12 -11.25 33.83
N THR A 188 -13.14 -11.45 35.15
CA THR A 188 -13.50 -10.38 36.07
C THR A 188 -12.46 -9.24 36.00
N TYR A 189 -11.18 -9.58 36.02
CA TYR A 189 -10.16 -8.53 35.96
C TYR A 189 -10.25 -7.71 34.66
N ILE A 190 -10.47 -8.41 33.54
CA ILE A 190 -10.50 -7.72 32.21
C ILE A 190 -11.84 -7.03 31.91
N SER A 191 -12.89 -7.39 32.68
CA SER A 191 -14.13 -6.63 32.60
C SER A 191 -14.00 -5.14 32.99
N ASN A 192 -12.96 -4.80 33.72
CA ASN A 192 -12.67 -3.41 34.11
C ASN A 192 -11.77 -2.65 33.09
N LEU A 193 -11.30 -3.36 32.06
CA LEU A 193 -10.32 -2.82 31.15
C LEU A 193 -10.95 -2.64 29.78
N ASP A 194 -11.12 -1.36 29.44
CA ASP A 194 -11.68 -0.89 28.16
C ASP A 194 -10.93 -1.50 26.97
N ARG A 195 -11.68 -2.03 26.03
CA ARG A 195 -11.18 -2.56 24.74
C ARG A 195 -10.44 -3.93 24.84
N VAL A 196 -10.40 -4.54 26.02
CA VAL A 196 -9.71 -5.80 26.20
C VAL A 196 -10.76 -6.89 26.17
N ARG A 197 -10.62 -7.84 25.24
CA ARG A 197 -11.55 -8.99 25.08
CA ARG A 197 -11.56 -8.99 25.14
C ARG A 197 -10.80 -10.31 25.20
N LEU A 198 -11.52 -11.35 25.69
CA LEU A 198 -10.99 -12.73 25.79
C LEU A 198 -11.75 -13.69 24.88
N ILE A 199 -11.01 -14.41 24.04
CA ILE A 199 -11.47 -15.48 23.21
C ILE A 199 -10.84 -16.75 23.77
N ARG A 200 -11.62 -17.82 23.79
CA ARG A 200 -11.18 -19.12 24.28
C ARG A 200 -11.27 -20.20 23.21
N THR A 201 -10.21 -20.97 23.07
CA THR A 201 -10.23 -22.10 22.18
C THR A 201 -10.95 -23.26 22.89
N ASN A 202 -11.44 -24.22 22.11
CA ASN A 202 -12.08 -25.42 22.68
C ASN A 202 -11.17 -26.65 22.69
N LYS A 203 -9.93 -26.44 22.28
CA LYS A 203 -8.93 -27.47 22.29
C LYS A 203 -7.58 -26.77 22.25
N ARG A 204 -6.52 -27.48 22.55
CA ARG A 204 -5.18 -26.96 22.61
C ARG A 204 -4.73 -26.76 21.14
N GLU A 205 -4.71 -25.50 20.69
CA GLU A 205 -4.46 -25.19 19.29
C GLU A 205 -3.01 -24.99 18.93
N GLY A 206 -2.21 -24.47 19.87
CA GLY A 206 -0.81 -24.08 19.63
C GLY A 206 -0.75 -22.58 19.26
N LEU A 207 0.44 -21.98 19.34
CA LEU A 207 0.59 -20.52 19.14
C LEU A 207 -0.05 -20.01 17.85
N VAL A 208 0.30 -20.65 16.74
CA VAL A 208 -0.17 -20.17 15.44
C VAL A 208 -1.68 -20.20 15.27
N ARG A 209 -2.28 -21.35 15.54
CA ARG A 209 -3.72 -21.48 15.38
C ARG A 209 -4.53 -20.68 16.37
N ALA A 210 -4.03 -20.50 17.58
CA ALA A 210 -4.68 -19.61 18.54
C ALA A 210 -4.68 -18.18 18.04
N ARG A 211 -3.55 -17.76 17.49
CA ARG A 211 -3.40 -16.49 16.85
C ARG A 211 -4.38 -16.32 15.73
N LEU A 212 -4.50 -17.32 14.83
CA LEU A 212 -5.53 -17.29 13.73
C LEU A 212 -6.97 -17.12 14.22
N ILE A 213 -7.34 -17.89 15.24
CA ILE A 213 -8.67 -17.72 15.87
C ILE A 213 -8.82 -16.27 16.38
N GLY A 214 -7.79 -15.71 16.99
CA GLY A 214 -7.90 -14.35 17.49
C GLY A 214 -8.04 -13.37 16.35
N ALA A 215 -7.23 -13.53 15.32
CA ALA A 215 -7.28 -12.64 14.13
C ALA A 215 -8.66 -12.65 13.52
N THR A 216 -9.34 -13.82 13.49
CA THR A 216 -10.70 -13.94 12.91
CA THR A 216 -10.68 -13.92 12.90
C THR A 216 -11.71 -12.99 13.56
N PHE A 217 -11.58 -12.76 14.87
CA PHE A 217 -12.40 -11.79 15.63
C PHE A 217 -11.97 -10.35 15.51
N ALA A 218 -10.71 -10.12 15.10
CA ALA A 218 -10.17 -8.77 15.00
C ALA A 218 -10.81 -8.00 13.86
N THR A 219 -11.09 -6.72 14.10
CA THR A 219 -11.64 -5.82 13.07
C THR A 219 -10.81 -4.58 12.84
N GLY A 220 -9.63 -4.50 13.47
CA GLY A 220 -8.76 -3.32 13.27
C GLY A 220 -8.19 -3.35 11.84
N ASP A 221 -7.57 -2.24 11.38
CA ASP A 221 -6.95 -2.22 10.06
C ASP A 221 -5.77 -3.19 10.07
N VAL A 222 -5.04 -3.23 11.18
CA VAL A 222 -3.76 -3.93 11.23
C VAL A 222 -3.75 -4.95 12.37
N LEU A 223 -3.33 -6.17 12.08
CA LEU A 223 -3.15 -7.16 13.14
C LEU A 223 -1.72 -7.05 13.70
N THR A 224 -1.64 -6.93 15.03
CA THR A 224 -0.33 -6.88 15.70
C THR A 224 -0.27 -8.03 16.66
N PHE A 225 0.55 -9.02 16.35
CA PHE A 225 0.66 -10.23 17.14
C PHE A 225 1.78 -9.97 18.11
N LEU A 226 1.45 -9.89 19.42
CA LEU A 226 2.43 -9.83 20.49
C LEU A 226 2.40 -11.18 21.18
N ASP A 227 3.01 -11.29 22.35
CA ASP A 227 2.93 -12.54 23.14
C ASP A 227 2.57 -12.21 24.57
N CYS A 228 2.38 -13.24 25.37
CA CYS A 228 1.78 -13.11 26.69
C CYS A 228 2.77 -12.72 27.79
N HIS A 229 4.03 -12.50 27.47
CA HIS A 229 4.97 -11.93 28.49
C HIS A 229 5.91 -11.03 27.78
N CYS A 230 5.32 -9.90 27.38
CA CYS A 230 6.00 -8.79 26.70
CA CYS A 230 6.09 -8.83 26.79
C CYS A 230 5.87 -7.54 27.51
N GLU A 231 6.81 -6.60 27.28
CA GLU A 231 6.68 -5.21 27.74
C GLU A 231 7.09 -4.27 26.62
N CYS A 232 6.24 -3.28 26.33
CA CYS A 232 6.39 -2.44 25.14
C CYS A 232 7.21 -1.19 25.49
N ASN A 233 8.12 -0.82 24.60
CA ASN A 233 8.89 0.40 24.75
C ASN A 233 7.99 1.57 24.37
N SER A 234 8.32 2.79 24.80
CA SER A 234 7.60 3.95 24.31
C SER A 234 7.77 4.02 22.82
N GLY A 235 6.69 4.44 22.19
CA GLY A 235 6.65 4.72 20.75
C GLY A 235 6.75 3.49 19.88
N TRP A 236 6.42 2.32 20.44
CA TRP A 236 6.64 1.04 19.75
C TRP A 236 5.67 0.89 18.58
N LEU A 237 4.48 1.47 18.67
CA LEU A 237 3.39 1.14 17.74
C LEU A 237 3.38 2.01 16.50
N GLU A 238 3.60 3.32 16.67
CA GLU A 238 3.52 4.26 15.57
C GLU A 238 4.42 3.87 14.41
N PRO A 239 5.67 3.44 14.67
CA PRO A 239 6.54 3.14 13.51
C PRO A 239 6.03 1.98 12.64
N LEU A 240 5.35 1.01 13.29
CA LEU A 240 4.78 -0.15 12.58
C LEU A 240 3.63 0.30 11.69
N LEU A 241 2.69 1.04 12.30
CA LEU A 241 1.50 1.52 11.64
C LEU A 241 1.77 2.59 10.57
N GLU A 242 2.75 3.45 10.80
CA GLU A 242 3.22 4.40 9.80
C GLU A 242 3.65 3.69 8.53
N ARG A 243 4.40 2.62 8.68
CA ARG A 243 4.99 1.96 7.54
C ARG A 243 3.91 1.19 6.77
N ILE A 244 3.09 0.47 7.53
CA ILE A 244 2.00 -0.29 6.88
C ILE A 244 0.98 0.62 6.20
N GLY A 245 0.80 1.82 6.78
CA GLY A 245 0.00 2.85 6.14
C GLY A 245 0.60 3.36 4.84
N ARG A 246 1.94 3.31 4.70
CA ARG A 246 2.54 3.66 3.43
C ARG A 246 2.58 2.52 2.40
N ASP A 247 2.72 1.28 2.88
CA ASP A 247 2.76 0.09 2.01
C ASP A 247 2.03 -1.04 2.75
N GLU A 248 0.82 -1.32 2.29
CA GLU A 248 -0.03 -2.35 2.94
C GLU A 248 0.52 -3.78 2.83
N THR A 249 1.53 -3.98 1.98
CA THR A 249 2.14 -5.28 1.86
C THR A 249 3.37 -5.41 2.74
N ALA A 250 3.64 -4.41 3.57
CA ALA A 250 4.77 -4.50 4.54
C ALA A 250 4.38 -5.20 5.81
N VAL A 251 5.05 -6.32 6.09
CA VAL A 251 4.89 -7.10 7.33
C VAL A 251 6.02 -6.60 8.21
N VAL A 252 5.68 -5.92 9.29
CA VAL A 252 6.69 -5.09 10.04
C VAL A 252 6.85 -5.59 11.47
N CYS A 253 8.09 -5.82 11.85
CA CYS A 253 8.38 -6.41 13.14
C CYS A 253 9.13 -5.42 14.07
N PRO A 254 8.78 -5.33 15.36
CA PRO A 254 9.62 -4.65 16.29
C PRO A 254 10.95 -5.36 16.43
N VAL A 255 11.95 -4.61 16.90
CA VAL A 255 13.10 -5.22 17.45
C VAL A 255 12.68 -5.88 18.78
N ILE A 256 13.05 -7.17 18.97
CA ILE A 256 12.66 -7.99 20.13
C ILE A 256 13.80 -7.97 21.12
N ASP A 257 13.63 -7.26 22.21
CA ASP A 257 14.67 -7.08 23.19
C ASP A 257 14.44 -8.13 24.24
N THR A 258 15.48 -8.47 25.00
CA THR A 258 15.36 -9.57 25.98
C THR A 258 15.00 -9.01 27.32
N ILE A 259 14.01 -9.63 27.96
CA ILE A 259 13.72 -9.37 29.36
C ILE A 259 14.20 -10.57 30.12
N ASP A 260 15.08 -10.35 31.06
CA ASP A 260 15.73 -11.43 31.81
C ASP A 260 14.71 -12.17 32.67
N TRP A 261 14.61 -13.49 32.51
CA TRP A 261 13.61 -14.26 33.25
C TRP A 261 13.83 -14.30 34.73
N ASN A 262 15.08 -14.06 35.17
CA ASN A 262 15.45 -14.16 36.57
C ASN A 262 15.47 -12.79 37.26
N THR A 263 16.01 -11.77 36.58
CA THR A 263 16.14 -10.44 37.17
C THR A 263 15.11 -9.42 36.68
N PHE A 264 14.39 -9.76 35.61
CA PHE A 264 13.50 -8.84 34.92
C PHE A 264 14.14 -7.59 34.31
N GLU A 265 15.47 -7.57 34.19
CA GLU A 265 16.17 -6.49 33.45
C GLU A 265 15.74 -6.52 31.97
N PHE A 266 15.33 -5.35 31.47
CA PHE A 266 15.03 -5.11 30.07
C PHE A 266 16.33 -4.70 29.38
N TYR A 267 16.87 -5.54 28.49
CA TYR A 267 18.13 -5.27 27.76
C TYR A 267 17.78 -4.75 26.35
N MET A 268 17.91 -3.45 26.12
CA MET A 268 17.52 -2.89 24.81
C MET A 268 18.67 -2.99 23.80
N GLN A 269 18.36 -3.47 22.61
CA GLN A 269 19.36 -3.55 21.53
C GLN A 269 19.56 -2.10 21.14
N ILE A 270 20.83 -1.72 21.12
CA ILE A 270 21.22 -0.33 20.87
C ILE A 270 21.71 -0.26 19.42
N GLY A 271 21.14 0.68 18.66
CA GLY A 271 21.56 0.95 17.27
C GLY A 271 21.04 -0.08 16.32
N GLU A 272 21.91 -0.60 15.43
CA GLU A 272 21.53 -1.47 14.32
C GLU A 272 21.20 -2.92 14.76
N PRO A 273 19.96 -3.34 14.52
CA PRO A 273 19.65 -4.68 14.92
C PRO A 273 20.24 -5.67 13.93
N MET A 274 20.32 -6.92 14.35
CA MET A 274 20.66 -8.03 13.50
C MET A 274 19.38 -8.47 12.85
N ILE A 275 19.45 -9.19 11.72
CA ILE A 275 18.23 -9.56 11.02
C ILE A 275 18.21 -11.05 10.70
N GLY A 276 17.07 -11.50 10.19
CA GLY A 276 16.78 -12.85 10.09
C GLY A 276 17.16 -13.48 8.78
N GLY A 277 17.81 -14.65 8.89
CA GLY A 277 17.86 -15.59 7.78
C GLY A 277 17.92 -17.03 8.20
N PHE A 278 18.74 -17.80 7.49
CA PHE A 278 18.78 -19.25 7.64
C PHE A 278 20.07 -19.83 7.06
N ASP A 279 20.40 -21.04 7.48
CA ASP A 279 21.51 -21.82 6.88
C ASP A 279 20.84 -22.91 6.05
N TRP A 280 21.66 -23.74 5.39
CA TRP A 280 21.13 -24.72 4.44
C TRP A 280 20.54 -25.97 5.11
N ARG A 281 20.66 -26.09 6.43
CA ARG A 281 19.78 -26.97 7.20
C ARG A 281 18.41 -26.35 7.48
N LEU A 282 18.22 -25.09 7.06
CA LEU A 282 17.03 -24.29 7.30
C LEU A 282 16.79 -24.01 8.76
N THR A 283 17.88 -23.99 9.54
CA THR A 283 17.85 -23.50 10.89
C THR A 283 17.93 -21.98 10.82
N PHE A 284 17.14 -21.30 11.65
CA PHE A 284 17.19 -19.86 11.73
C PHE A 284 18.60 -19.42 12.15
N GLN A 285 19.14 -18.41 11.48
CA GLN A 285 20.38 -17.74 11.85
C GLN A 285 20.28 -16.23 11.73
N TRP A 286 20.88 -15.52 12.67
CA TRP A 286 21.04 -14.07 12.59
C TRP A 286 22.11 -13.71 11.58
N HIS A 287 21.96 -12.57 10.90
CA HIS A 287 23.06 -11.97 10.18
C HIS A 287 22.98 -10.50 10.27
N SER A 288 24.13 -9.87 10.01
CA SER A 288 24.24 -8.43 10.01
C SER A 288 23.61 -7.82 8.75
N VAL A 289 23.08 -6.60 8.90
CA VAL A 289 22.57 -5.88 7.73
C VAL A 289 23.67 -5.80 6.68
N PRO A 290 23.42 -6.34 5.46
CA PRO A 290 24.40 -6.29 4.37
C PRO A 290 24.54 -4.88 3.76
N LYS A 291 25.68 -4.65 3.10
CA LYS A 291 25.94 -3.40 2.37
C LYS A 291 24.83 -3.03 1.39
N GLN A 292 24.31 -3.99 0.62
CA GLN A 292 23.23 -3.65 -0.33
C GLN A 292 22.04 -3.01 0.41
N GLU A 293 21.70 -3.54 1.58
CA GLU A 293 20.58 -3.01 2.35
C GLU A 293 20.95 -1.70 3.06
N ARG A 294 22.18 -1.56 3.56
CA ARG A 294 22.61 -0.24 4.13
C ARG A 294 22.55 0.90 3.09
N ASP A 295 23.03 0.60 1.88
CA ASP A 295 23.01 1.53 0.76
C ASP A 295 21.63 1.87 0.20
N ARG A 296 20.65 0.91 0.25
CA ARG A 296 19.27 1.12 -0.25
C ARG A 296 18.53 2.02 0.66
N ARG A 297 18.75 1.86 1.96
CA ARG A 297 18.01 2.65 2.92
C ARG A 297 18.62 4.03 3.08
N ILE A 298 17.75 5.02 3.25
CA ILE A 298 18.24 6.37 3.23
C ILE A 298 18.59 6.86 4.62
N SER A 299 17.86 6.36 5.62
CA SER A 299 18.14 6.68 7.02
C SER A 299 18.37 5.40 7.84
N ARG A 300 19.21 5.53 8.84
CA ARG A 300 19.55 4.43 9.68
C ARG A 300 18.38 3.98 10.58
N ILE A 301 17.38 4.81 10.72
CA ILE A 301 16.14 4.43 11.41
C ILE A 301 15.03 3.98 10.49
N ASP A 302 15.23 3.99 9.16
CA ASP A 302 14.28 3.33 8.23
C ASP A 302 14.12 1.84 8.52
N PRO A 303 12.93 1.27 8.15
CA PRO A 303 12.79 -0.19 8.22
C PRO A 303 13.94 -0.93 7.53
N ILE A 304 14.26 -2.13 8.02
CA ILE A 304 15.29 -2.94 7.46
C ILE A 304 14.66 -4.20 6.94
N ARG A 305 14.87 -4.49 5.66
CA ARG A 305 14.44 -5.76 5.09
C ARG A 305 15.09 -7.01 5.76
N SER A 306 14.27 -7.99 6.11
CA SER A 306 14.75 -9.21 6.71
C SER A 306 14.36 -10.42 5.89
N PRO A 307 15.37 -11.18 5.43
CA PRO A 307 15.03 -12.32 4.60
C PRO A 307 14.02 -13.29 5.26
N THR A 308 14.09 -13.49 6.57
CA THR A 308 13.11 -14.27 7.26
C THR A 308 12.77 -13.60 8.56
N MET A 309 11.61 -13.98 9.11
CA MET A 309 11.17 -13.41 10.36
C MET A 309 12.10 -13.87 11.47
N ALA A 310 12.43 -12.95 12.39
CA ALA A 310 13.39 -13.17 13.46
C ALA A 310 12.81 -13.26 14.85
N GLY A 311 11.63 -13.82 14.95
CA GLY A 311 10.86 -13.86 16.19
C GLY A 311 9.40 -13.99 15.81
N GLY A 312 8.54 -13.94 16.82
CA GLY A 312 7.15 -14.19 16.61
C GLY A 312 6.30 -12.94 16.58
N LEU A 313 6.91 -11.74 16.73
CA LEU A 313 6.19 -10.47 16.91
C LEU A 313 6.18 -9.70 15.61
N PHE A 314 4.99 -9.41 15.08
CA PHE A 314 4.83 -8.68 13.82
C PHE A 314 3.46 -8.03 13.65
N ALA A 315 3.43 -6.97 12.82
CA ALA A 315 2.24 -6.26 12.44
C ALA A 315 2.08 -6.44 10.92
N VAL A 316 0.83 -6.73 10.53
CA VAL A 316 0.46 -6.94 9.15
C VAL A 316 -0.94 -6.42 8.93
N SER A 317 -1.20 -5.78 7.76
CA SER A 317 -2.56 -5.40 7.39
C SER A 317 -3.48 -6.66 7.40
N LYS A 318 -4.62 -6.53 8.05
CA LYS A 318 -5.49 -7.70 8.25
C LYS A 318 -5.95 -8.26 6.90
N LYS A 319 -6.48 -7.39 6.04
CA LYS A 319 -6.84 -7.76 4.67
C LYS A 319 -5.69 -8.39 3.90
N TYR A 320 -4.50 -7.85 4.07
CA TYR A 320 -3.31 -8.40 3.37
C TYR A 320 -2.93 -9.77 3.93
N PHE A 321 -2.90 -9.92 5.27
CA PHE A 321 -2.73 -11.27 5.88
C PHE A 321 -3.77 -12.31 5.33
N GLN A 322 -5.04 -11.93 5.31
CA GLN A 322 -6.10 -12.79 4.75
C GLN A 322 -5.84 -13.10 3.31
N TYR A 323 -5.45 -12.11 2.54
CA TYR A 323 -5.13 -12.35 1.08
C TYR A 323 -3.99 -13.36 0.88
N LEU A 324 -2.95 -13.24 1.66
CA LEU A 324 -1.86 -14.24 1.63
C LEU A 324 -2.18 -15.63 2.12
N GLY A 325 -3.34 -15.82 2.73
CA GLY A 325 -3.72 -17.11 3.31
C GLY A 325 -3.34 -17.28 4.79
N THR A 326 -3.01 -16.17 5.47
CA THR A 326 -2.64 -16.16 6.90
C THR A 326 -1.39 -17.05 7.20
N TYR A 327 -1.46 -17.99 8.14
CA TYR A 327 -0.40 -18.99 8.25
C TYR A 327 -0.83 -20.24 7.47
N ASP A 328 0.13 -21.15 7.24
CA ASP A 328 -0.12 -22.46 6.66
C ASP A 328 -0.81 -23.41 7.66
N THR A 329 -2.12 -23.56 7.49
CA THR A 329 -2.96 -24.51 8.28
C THR A 329 -2.65 -26.00 8.08
N GLY A 330 -2.07 -26.36 6.94
CA GLY A 330 -1.69 -27.73 6.70
C GLY A 330 -0.49 -28.20 7.52
N MET A 331 0.16 -27.27 8.22
CA MET A 331 1.18 -27.63 9.21
C MET A 331 0.50 -28.44 10.30
N GLU A 332 0.97 -29.64 10.61
CA GLU A 332 0.27 -30.37 11.69
C GLU A 332 1.00 -30.21 13.01
N VAL A 333 2.32 -30.37 12.97
CA VAL A 333 3.21 -30.06 14.09
C VAL A 333 3.25 -28.56 14.44
N TRP A 334 3.61 -28.26 15.69
CA TRP A 334 3.80 -26.88 16.16
C TRP A 334 5.23 -26.46 16.07
N GLY A 335 5.43 -25.17 15.76
CA GLY A 335 6.77 -24.57 15.68
C GLY A 335 7.33 -24.47 14.27
N GLY A 336 8.19 -23.48 14.09
CA GLY A 336 8.89 -23.28 12.83
C GLY A 336 8.03 -22.73 11.70
N GLU A 337 6.80 -22.31 12.02
CA GLU A 337 5.84 -21.90 10.99
C GLU A 337 6.27 -20.62 10.26
N ASN A 338 7.11 -19.79 10.88
CA ASN A 338 7.52 -18.50 10.30
C ASN A 338 8.46 -18.58 9.12
N LEU A 339 9.13 -19.71 8.91
CA LEU A 339 9.91 -19.86 7.70
C LEU A 339 8.99 -19.87 6.50
N GLU A 340 8.01 -20.76 6.47
CA GLU A 340 7.02 -20.80 5.38
C GLU A 340 6.38 -19.44 5.15
N LEU A 341 5.98 -18.79 6.24
CA LEU A 341 5.40 -17.42 6.13
C LEU A 341 6.35 -16.39 5.48
N SER A 342 7.61 -16.41 5.90
CA SER A 342 8.63 -15.51 5.34
C SER A 342 8.77 -15.65 3.81
N PHE A 343 9.00 -16.89 3.35
CA PHE A 343 9.13 -17.18 1.91
C PHE A 343 7.90 -16.71 1.13
N ARG A 344 6.75 -16.97 1.69
CA ARG A 344 5.51 -16.65 1.07
C ARG A 344 5.31 -15.16 0.92
N VAL A 345 5.58 -14.37 1.95
CA VAL A 345 5.46 -12.92 1.92
C VAL A 345 6.39 -12.33 0.80
N TRP A 346 7.63 -12.77 0.76
CA TRP A 346 8.56 -12.19 -0.12
C TRP A 346 8.32 -12.68 -1.54
N GLN A 347 8.18 -13.98 -1.73
CA GLN A 347 7.90 -14.47 -3.07
C GLN A 347 6.59 -13.95 -3.61
N CYS A 348 5.60 -13.68 -2.75
CA CYS A 348 4.29 -13.31 -3.24
C CYS A 348 4.04 -11.81 -3.25
N GLY A 349 5.16 -11.05 -3.30
CA GLY A 349 5.50 -9.77 -2.61
C GLY A 349 4.91 -8.45 -2.17
N GLY A 350 4.52 -8.25 -0.95
CA GLY A 350 5.24 -8.53 0.26
C GLY A 350 6.67 -8.03 0.54
N LYS A 351 6.81 -7.32 1.66
CA LYS A 351 8.12 -7.06 2.24
C LYS A 351 8.02 -7.50 3.70
N LEU A 352 9.12 -8.00 4.23
CA LEU A 352 9.26 -8.30 5.64
C LEU A 352 10.38 -7.41 6.20
N GLU A 353 10.06 -6.63 7.20
CA GLU A 353 10.95 -5.66 7.76
C GLU A 353 11.04 -5.71 9.29
N ILE A 354 12.21 -5.32 9.79
CA ILE A 354 12.41 -5.00 11.17
C ILE A 354 12.55 -3.48 11.35
N HIS A 355 11.76 -2.92 12.25
CA HIS A 355 11.77 -1.50 12.41
C HIS A 355 12.58 -1.07 13.61
N PRO A 356 13.71 -0.35 13.38
CA PRO A 356 14.58 -0.01 14.52
C PRO A 356 14.00 0.91 15.64
N CYS A 357 13.00 1.68 15.31
CA CYS A 357 12.27 2.54 16.29
C CYS A 357 11.12 1.84 16.99
N SER A 358 10.88 0.56 16.73
CA SER A 358 9.83 -0.24 17.45
C SER A 358 10.50 -1.33 18.24
N HIS A 359 10.45 -1.17 19.59
CA HIS A 359 11.06 -2.12 20.51
C HIS A 359 10.06 -2.76 21.39
N VAL A 360 10.02 -4.08 21.37
CA VAL A 360 9.18 -4.80 22.36
C VAL A 360 10.09 -5.81 23.10
N GLY A 361 10.05 -5.80 24.44
CA GLY A 361 10.77 -6.76 25.26
C GLY A 361 9.97 -8.02 25.48
N HIS A 362 10.66 -9.15 25.51
CA HIS A 362 10.06 -10.48 25.60
C HIS A 362 10.80 -11.24 26.69
N VAL A 363 10.07 -11.82 27.64
CA VAL A 363 10.71 -12.65 28.66
C VAL A 363 11.04 -14.03 28.09
N PHE A 364 12.29 -14.26 27.74
CA PHE A 364 12.69 -15.58 27.26
C PHE A 364 12.75 -16.52 28.46
N PRO A 365 11.89 -17.53 28.50
CA PRO A 365 11.90 -18.40 29.68
C PRO A 365 13.26 -19.16 29.91
N LYS A 366 13.49 -19.63 31.13
CA LYS A 366 14.64 -20.49 31.43
C LYS A 366 14.62 -21.74 30.55
N ASN A 374 11.54 -32.29 16.53
CA ASN A 374 11.30 -30.92 16.95
C ASN A 374 10.20 -30.40 16.00
N PHE A 375 10.51 -29.56 15.00
CA PHE A 375 9.49 -29.11 14.02
C PHE A 375 9.95 -29.30 12.57
N LEU A 376 10.76 -30.32 12.36
CA LEU A 376 11.42 -30.51 11.08
C LEU A 376 10.42 -30.75 9.94
N GLN A 377 9.25 -31.29 10.29
CA GLN A 377 8.17 -31.49 9.31
C GLN A 377 7.71 -30.18 8.71
N ASN A 378 7.63 -29.17 9.57
CA ASN A 378 7.23 -27.82 9.16
C ASN A 378 8.29 -27.16 8.30
N THR A 379 9.55 -27.37 8.67
CA THR A 379 10.67 -26.83 7.93
C THR A 379 10.74 -27.44 6.53
N ALA A 380 10.62 -28.77 6.45
CA ALA A 380 10.53 -29.46 5.17
C ALA A 380 9.31 -29.01 4.34
N ARG A 381 8.19 -28.79 5.01
CA ARG A 381 7.03 -28.30 4.29
C ARG A 381 7.31 -26.96 3.58
N ALA A 382 7.98 -26.04 4.28
CA ALA A 382 8.36 -24.73 3.69
C ALA A 382 9.21 -24.91 2.44
N ALA A 383 10.14 -25.86 2.51
CA ALA A 383 11.04 -26.15 1.38
C ALA A 383 10.31 -26.73 0.19
N GLU A 384 9.36 -27.62 0.44
CA GLU A 384 8.61 -28.28 -0.64
C GLU A 384 7.70 -27.30 -1.35
N VAL A 385 7.09 -26.39 -0.59
CA VAL A 385 6.18 -25.45 -1.18
C VAL A 385 6.93 -24.35 -1.98
N TRP A 386 8.06 -23.87 -1.43
CA TRP A 386 8.67 -22.61 -1.88
C TRP A 386 10.03 -22.66 -2.57
N MET A 387 10.80 -23.72 -2.30
CA MET A 387 12.24 -23.68 -2.62
C MET A 387 12.61 -24.24 -3.97
N ASP A 388 11.63 -24.78 -4.72
CA ASP A 388 11.85 -25.20 -6.11
C ASP A 388 13.10 -26.11 -6.19
N GLU A 389 14.02 -25.79 -7.08
CA GLU A 389 15.19 -26.61 -7.34
C GLU A 389 16.31 -26.42 -6.28
N TYR A 390 16.07 -25.64 -5.21
CA TYR A 390 17.07 -25.42 -4.16
C TYR A 390 16.85 -26.28 -2.95
N LYS A 391 15.68 -26.95 -2.89
CA LYS A 391 15.36 -27.80 -1.74
C LYS A 391 16.36 -28.93 -1.55
N GLU A 392 16.94 -29.43 -2.63
CA GLU A 392 17.90 -30.54 -2.51
C GLU A 392 19.16 -30.15 -1.76
N HIS A 393 19.56 -28.88 -1.86
CA HIS A 393 20.74 -28.42 -1.07
C HIS A 393 20.47 -28.53 0.43
N PHE A 394 19.20 -28.32 0.78
CA PHE A 394 18.75 -28.46 2.15
C PHE A 394 18.71 -29.92 2.57
N TYR A 395 18.05 -30.76 1.78
CA TYR A 395 17.96 -32.17 2.13
C TYR A 395 19.35 -32.83 2.23
N ASN A 396 20.26 -32.51 1.32
CA ASN A 396 21.65 -32.99 1.39
C ASN A 396 22.34 -32.71 2.72
N ARG A 397 21.99 -31.58 3.35
CA ARG A 397 22.66 -31.10 4.56
C ARG A 397 21.89 -31.34 5.85
N ASN A 398 20.61 -31.67 5.73
CA ASN A 398 19.78 -32.06 6.86
C ASN A 398 19.05 -33.35 6.41
N PRO A 399 19.80 -34.47 6.31
CA PRO A 399 19.18 -35.71 5.78
C PRO A 399 17.94 -36.22 6.53
N PRO A 400 17.88 -36.10 7.87
CA PRO A 400 16.64 -36.58 8.51
C PRO A 400 15.35 -35.95 7.96
N ALA A 401 15.43 -34.70 7.45
CA ALA A 401 14.29 -34.01 6.81
C ALA A 401 13.63 -34.78 5.68
N ARG A 402 14.40 -35.59 4.94
CA ARG A 402 13.85 -36.45 3.88
C ARG A 402 12.82 -37.46 4.39
N LYS A 403 12.91 -37.82 5.66
CA LYS A 403 12.06 -38.84 6.27
C LYS A 403 10.79 -38.26 6.92
N GLU A 404 10.64 -36.94 6.94
CA GLU A 404 9.55 -36.30 7.66
C GLU A 404 8.28 -36.22 6.81
N ALA A 405 7.12 -36.40 7.45
CA ALA A 405 5.82 -36.25 6.79
C ALA A 405 5.41 -34.78 6.82
N TYR A 406 5.72 -34.09 5.73
CA TYR A 406 5.39 -32.64 5.60
C TYR A 406 3.94 -32.38 5.19
N GLY A 407 3.23 -33.43 4.75
CA GLY A 407 1.80 -33.39 4.51
C GLY A 407 1.41 -33.10 3.08
N ASP A 408 0.12 -32.90 2.87
CA ASP A 408 -0.39 -32.63 1.53
C ASP A 408 -0.20 -31.14 1.27
N ILE A 409 0.47 -30.82 0.18
CA ILE A 409 0.76 -29.44 -0.19
C ILE A 409 0.08 -29.06 -1.50
N SER A 410 -0.97 -29.80 -1.89
CA SER A 410 -1.70 -29.52 -3.12
CA SER A 410 -1.69 -29.52 -3.13
C SER A 410 -2.37 -28.13 -3.11
N GLU A 411 -3.03 -27.80 -2.00
CA GLU A 411 -3.71 -26.49 -1.80
C GLU A 411 -2.72 -25.29 -1.77
N ARG A 412 -1.52 -25.55 -1.24
CA ARG A 412 -0.47 -24.54 -1.10
C ARG A 412 0.13 -24.19 -2.43
N LYS A 413 0.39 -25.21 -3.28
CA LYS A 413 0.81 -24.98 -4.65
C LYS A 413 -0.23 -24.15 -5.38
N LEU A 414 -1.52 -24.44 -5.20
CA LEU A 414 -2.58 -23.72 -5.92
C LEU A 414 -2.60 -22.26 -5.46
N LEU A 415 -2.44 -22.05 -4.16
CA LEU A 415 -2.38 -20.71 -3.57
C LEU A 415 -1.19 -19.92 -4.15
N ARG A 416 -0.04 -20.55 -4.19
CA ARG A 416 1.16 -19.95 -4.80
C ARG A 416 0.90 -19.54 -6.25
N GLU A 417 0.21 -20.38 -7.01
CA GLU A 417 -0.10 -20.08 -8.40
C GLU A 417 -1.12 -18.93 -8.53
N ARG A 418 -2.20 -19.01 -7.74
CA ARG A 418 -3.20 -17.93 -7.63
C ARG A 418 -2.59 -16.55 -7.29
N LEU A 419 -1.66 -16.56 -6.34
CA LEU A 419 -1.02 -15.33 -5.91
C LEU A 419 0.06 -14.78 -6.90
N ARG A 420 0.33 -15.56 -7.95
CA ARG A 420 1.41 -15.31 -8.90
C ARG A 420 2.72 -15.03 -8.18
N CYS A 421 3.08 -15.90 -7.23
CA CYS A 421 4.33 -15.69 -6.50
C CYS A 421 5.55 -15.93 -7.40
N LYS A 422 6.66 -15.23 -7.15
CA LYS A 422 7.90 -15.44 -7.90
C LYS A 422 8.70 -16.65 -7.40
N SER A 423 9.80 -16.98 -8.08
CA SER A 423 10.56 -18.22 -7.86
C SER A 423 11.48 -18.09 -6.68
N PHE A 424 12.02 -19.23 -6.22
CA PHE A 424 12.97 -19.18 -5.10
C PHE A 424 14.28 -18.61 -5.61
N ASP A 425 14.56 -18.81 -6.90
CA ASP A 425 15.73 -18.21 -7.54
C ASP A 425 15.65 -16.68 -7.42
N TRP A 426 14.50 -16.13 -7.78
CA TRP A 426 14.21 -14.71 -7.54
C TRP A 426 14.43 -14.35 -6.07
N TYR A 427 13.88 -15.12 -5.12
CA TYR A 427 14.08 -14.84 -3.69
C TYR A 427 15.57 -14.68 -3.33
N LEU A 428 16.35 -15.67 -3.72
CA LEU A 428 17.76 -15.67 -3.38
C LEU A 428 18.49 -14.48 -3.98
N LYS A 429 18.22 -14.17 -5.24
CA LYS A 429 18.93 -13.07 -5.91
C LYS A 429 18.52 -11.68 -5.38
N ASN A 430 17.25 -11.52 -5.00
CA ASN A 430 16.69 -10.23 -4.65
C ASN A 430 16.50 -9.96 -3.14
N VAL A 431 16.33 -11.01 -2.34
CA VAL A 431 16.08 -10.88 -0.90
C VAL A 431 17.27 -11.29 -0.03
N PHE A 432 18.00 -12.34 -0.45
CA PHE A 432 19.12 -12.88 0.32
C PHE A 432 20.35 -13.16 -0.54
N PRO A 433 20.84 -12.12 -1.25
CA PRO A 433 21.92 -12.37 -2.24
C PRO A 433 23.28 -12.77 -1.72
N ASN A 434 23.60 -12.52 -0.46
CA ASN A 434 24.97 -12.79 0.01
C ASN A 434 25.11 -14.16 0.65
CA LEU A 435 23.83 -16.39 1.09
C LEU A 435 24.50 -17.12 -0.06
N HIS A 436 25.64 -17.73 0.26
CA HIS A 436 26.30 -18.64 -0.68
C HIS A 436 25.42 -19.84 -0.96
N VAL A 437 25.20 -20.09 -2.25
CA VAL A 437 24.38 -21.22 -2.70
C VAL A 437 25.30 -22.36 -3.16
N PRO A 438 25.27 -23.51 -2.45
CA PRO A 438 26.07 -24.68 -2.90
C PRO A 438 25.72 -25.13 -4.32
N GLU A 439 26.68 -25.76 -4.98
CA GLU A 439 26.42 -26.35 -6.31
C GLU A 439 25.90 -27.79 -6.21
N ASP A 440 26.53 -28.58 -5.32
CA ASP A 440 26.29 -30.04 -5.22
C ASP A 440 26.22 -30.70 -6.60
N ARG A 441 27.26 -30.54 -7.37
CA ARG A 441 27.32 -31.12 -8.73
C ARG A 441 27.20 -32.64 -8.65
N PRO A 442 26.47 -33.28 -9.61
CA PRO A 442 26.37 -34.74 -9.55
C PRO A 442 27.75 -35.42 -9.58
N GLY A 443 27.93 -36.35 -8.65
CA GLY A 443 29.16 -37.14 -8.54
C GLY A 443 30.21 -36.46 -7.69
N TRP A 444 29.94 -35.23 -7.21
CA TRP A 444 30.93 -34.45 -6.47
C TRP A 444 30.43 -33.99 -5.09
N HIS A 445 29.46 -34.69 -4.51
CA HIS A 445 29.05 -34.38 -3.13
C HIS A 445 28.52 -35.61 -2.47
N GLY A 446 28.71 -35.67 -1.16
CA GLY A 446 28.27 -36.74 -0.31
C GLY A 446 29.42 -37.12 0.59
N ALA A 447 29.54 -38.41 0.84
CA ALA A 447 30.64 -38.97 1.63
C ALA A 447 31.80 -39.28 0.73
N ILE A 448 32.99 -39.21 1.29
CA ILE A 448 34.20 -39.56 0.56
C ILE A 448 34.79 -40.81 1.24
N ARG A 449 34.70 -41.96 0.56
CA ARG A 449 35.15 -43.25 1.09
C ARG A 449 36.60 -43.56 0.70
N SER A 450 37.34 -44.11 1.66
CA SER A 450 38.73 -44.58 1.45
C SER A 450 38.71 -45.88 0.71
N ARG A 451 39.51 -46.02 -0.34
CA ARG A 451 39.74 -47.34 -0.92
C ARG A 451 40.62 -48.22 -0.01
N GLY A 452 41.60 -47.59 0.63
CA GLY A 452 42.60 -48.29 1.47
C GLY A 452 42.07 -48.88 2.76
N ILE A 453 41.23 -48.10 3.45
CA ILE A 453 40.49 -48.58 4.61
C ILE A 453 38.99 -48.45 4.26
N SER A 454 38.43 -49.54 3.73
CA SER A 454 37.15 -49.56 3.01
C SER A 454 35.92 -49.30 3.87
N SER A 455 36.06 -49.40 5.18
CA SER A 455 34.99 -49.10 6.14
C SER A 455 34.92 -47.63 6.52
N GLU A 456 35.95 -46.86 6.16
CA GLU A 456 36.13 -45.49 6.69
C GLU A 456 35.80 -44.43 5.66
N CYS A 457 35.27 -43.32 6.17
CA CYS A 457 34.93 -42.15 5.36
C CYS A 457 35.59 -40.95 5.98
N LEU A 458 35.94 -39.98 5.15
CA LEU A 458 36.41 -38.67 5.63
C LEU A 458 35.40 -38.09 6.62
N ASP A 459 35.92 -37.47 7.67
CA ASP A 459 35.11 -37.13 8.85
C ASP A 459 35.74 -35.93 9.55
N TYR A 460 34.96 -34.85 9.70
CA TYR A 460 35.40 -33.65 10.41
C TYR A 460 34.52 -33.38 11.63
N ASN A 461 35.07 -33.58 12.83
CA ASN A 461 34.32 -33.47 14.10
C ASN A 461 34.88 -32.40 15.05
N SER A 462 34.38 -31.19 14.87
CA SER A 462 34.85 -30.03 15.62
C SER A 462 33.98 -29.87 16.85
N PRO A 463 34.50 -29.24 17.91
CA PRO A 463 33.58 -28.86 19.04
C PRO A 463 32.42 -27.96 18.56
N ASP A 464 31.38 -27.81 19.39
CA ASP A 464 30.20 -26.99 19.02
C ASP A 464 30.53 -25.50 18.89
N ASN A 465 31.33 -25.04 19.86
CA ASN A 465 32.14 -23.84 19.71
C ASN A 465 33.32 -24.26 18.85
N ASN A 466 34.05 -23.30 18.27
CA ASN A 466 35.31 -23.57 17.57
C ASN A 466 35.06 -24.56 16.40
N PRO A 467 34.22 -24.14 15.43
CA PRO A 467 33.90 -25.00 14.27
C PRO A 467 35.13 -25.44 13.45
N THR A 468 36.25 -24.73 13.58
CA THR A 468 37.50 -25.03 12.86
C THR A 468 38.62 -25.54 13.79
N GLY A 469 38.23 -26.13 14.92
CA GLY A 469 39.15 -26.56 15.97
C GLY A 469 39.92 -27.83 15.68
N ALA A 470 39.28 -28.78 15.01
CA ALA A 470 39.84 -30.10 14.80
C ALA A 470 40.55 -30.27 13.45
N ASN A 471 41.14 -31.45 13.26
CA ASN A 471 41.75 -31.85 11.99
C ASN A 471 40.82 -32.81 11.28
N LEU A 472 40.87 -32.82 9.96
CA LEU A 472 40.18 -33.83 9.17
C LEU A 472 40.71 -35.22 9.57
N SER A 473 39.81 -36.18 9.69
CA SER A 473 40.16 -37.56 10.07
C SER A 473 39.31 -38.62 9.35
N LEU A 474 39.30 -39.84 9.90
CA LEU A 474 38.48 -40.94 9.40
C LEU A 474 37.57 -41.51 10.49
N PHE A 475 36.43 -42.04 10.07
CA PHE A 475 35.46 -42.64 10.97
C PHE A 475 34.56 -43.55 10.15
N GLY A 476 33.91 -44.51 10.80
CA GLY A 476 33.12 -45.51 10.09
C GLY A 476 32.06 -44.84 9.25
N CYS A 477 31.99 -45.22 7.96
CA CYS A 477 30.99 -44.71 7.04
C CYS A 477 29.60 -45.08 7.58
N HIS A 478 28.78 -44.06 7.83
CA HIS A 478 27.42 -44.25 8.36
C HIS A 478 26.29 -43.83 7.40
N GLY A 479 26.62 -43.12 6.32
CA GLY A 479 25.65 -42.70 5.32
C GLY A 479 24.67 -41.60 5.72
N GLN A 480 24.91 -40.94 6.86
CA GLN A 480 23.99 -39.94 7.40
C GLN A 480 24.40 -38.47 7.21
N GLY A 481 25.35 -38.19 6.34
CA GLY A 481 25.84 -36.82 6.12
C GLY A 481 26.48 -36.22 7.37
N GLY A 482 26.10 -35.00 7.70
CA GLY A 482 26.70 -34.26 8.81
C GLY A 482 28.22 -34.22 8.77
N ASN A 483 28.86 -34.81 9.79
CA ASN A 483 30.33 -34.82 9.86
C ASN A 483 31.05 -35.59 8.72
N GLN A 484 30.29 -36.33 7.93
CA GLN A 484 30.80 -37.02 6.77
C GLN A 484 30.32 -36.45 5.43
N PHE A 485 29.65 -35.29 5.43
CA PHE A 485 29.19 -34.67 4.18
C PHE A 485 30.13 -33.61 3.67
N PHE A 486 30.52 -33.76 2.40
CA PHE A 486 31.40 -32.82 1.72
C PHE A 486 30.88 -32.48 0.32
N GLU A 487 31.43 -31.40 -0.23
CA GLU A 487 31.11 -30.88 -1.55
C GLU A 487 32.40 -30.44 -2.21
N TYR A 488 32.73 -31.05 -3.36
CA TYR A 488 33.84 -30.61 -4.20
C TYR A 488 33.32 -29.60 -5.22
N THR A 489 33.92 -28.43 -5.21
CA THR A 489 33.39 -27.26 -5.88
C THR A 489 34.05 -27.07 -7.27
N SER A 490 33.38 -26.32 -8.16
CA SER A 490 33.97 -25.92 -9.45
C SER A 490 35.23 -25.04 -9.29
N ASN A 491 35.27 -24.20 -8.26
CA ASN A 491 36.52 -23.56 -7.77
C ASN A 491 37.52 -24.46 -7.05
N LYS A 492 37.22 -25.77 -7.01
CA LYS A 492 38.16 -26.81 -6.59
C LYS A 492 38.45 -26.78 -5.10
N GLU A 493 37.43 -26.40 -4.35
CA GLU A 493 37.47 -26.41 -2.90
C GLU A 493 36.79 -27.69 -2.44
N ILE A 494 37.24 -28.23 -1.31
CA ILE A 494 36.48 -29.28 -0.65
C ILE A 494 35.74 -28.63 0.50
N ARG A 495 34.43 -28.44 0.34
CA ARG A 495 33.67 -27.75 1.37
C ARG A 495 33.05 -28.72 2.35
N PHE A 496 33.20 -28.41 3.62
CA PHE A 496 32.50 -29.10 4.69
C PHE A 496 31.38 -28.13 5.14
N ASN A 497 30.22 -28.20 4.47
CA ASN A 497 29.25 -27.12 4.54
C ASN A 497 27.83 -27.52 4.77
N SER A 498 27.64 -28.51 5.65
CA SER A 498 26.30 -28.81 6.15
C SER A 498 25.84 -27.71 7.12
N VAL A 499 26.77 -27.08 7.82
CA VAL A 499 26.44 -26.07 8.82
C VAL A 499 26.79 -24.63 8.38
N THR A 500 28.07 -24.34 8.12
CA THR A 500 28.52 -23.06 7.55
C THR A 500 29.51 -23.38 6.42
N GLU A 501 29.88 -22.35 5.67
CA GLU A 501 30.79 -22.49 4.53
C GLU A 501 32.27 -22.62 5.00
N LEU A 502 32.66 -23.87 5.32
CA LEU A 502 34.02 -24.24 5.71
C LEU A 502 34.73 -24.98 4.56
N CYS A 503 36.03 -24.69 4.40
CA CYS A 503 36.83 -25.13 3.26
C CYS A 503 38.09 -25.86 3.78
N ALA A 504 38.32 -27.07 3.25
CA ALA A 504 39.47 -27.89 3.62
C ALA A 504 40.78 -27.19 3.24
N GLU A 505 41.70 -27.11 4.20
CA GLU A 505 42.96 -26.40 4.04
C GLU A 505 44.14 -27.15 4.65
N VAL A 506 45.29 -27.11 3.98
CA VAL A 506 46.56 -27.58 4.56
C VAL A 506 47.35 -26.31 4.92
N PRO A 507 47.62 -26.09 6.22
CA PRO A 507 48.43 -24.93 6.59
C PRO A 507 49.86 -25.01 6.02
N GLU A 508 50.51 -23.86 5.94
CA GLU A 508 51.77 -23.76 5.19
C GLU A 508 52.87 -24.65 5.81
N GLN A 509 53.48 -25.51 4.98
CA GLN A 509 54.56 -26.46 5.36
C GLN A 509 54.10 -27.68 6.15
N LYS A 510 52.80 -27.84 6.38
CA LYS A 510 52.30 -28.92 7.24
C LYS A 510 51.78 -30.09 6.42
N ASN A 511 51.43 -31.18 7.11
CA ASN A 511 50.92 -32.39 6.44
C ASN A 511 49.61 -32.90 7.04
N TYR A 512 48.84 -32.01 7.67
CA TYR A 512 47.48 -32.34 8.15
C TYR A 512 46.49 -31.40 7.51
N VAL A 513 45.21 -31.77 7.60
CA VAL A 513 44.13 -30.99 7.00
C VAL A 513 43.21 -30.42 8.05
N GLY A 514 43.04 -29.09 8.02
CA GLY A 514 42.12 -28.39 8.89
C GLY A 514 41.00 -27.76 8.08
N MET A 515 40.25 -26.89 8.74
CA MET A 515 39.20 -26.12 8.07
C MET A 515 39.35 -24.63 8.32
N GLN A 516 38.86 -23.85 7.38
CA GLN A 516 38.78 -22.41 7.54
C GLN A 516 37.60 -21.86 6.76
N ASN A 517 37.09 -20.69 7.17
CA ASN A 517 35.99 -20.05 6.46
C ASN A 517 36.33 -19.99 4.99
N CYS A 518 35.40 -20.40 4.14
CA CYS A 518 35.58 -20.27 2.70
C CYS A 518 35.60 -18.80 2.29
N PRO A 519 36.23 -18.50 1.15
CA PRO A 519 36.21 -17.13 0.67
C PRO A 519 34.80 -16.73 0.29
N LYS A 520 34.54 -15.43 0.35
CA LYS A 520 33.28 -14.89 -0.12
C LYS A 520 33.15 -15.10 -1.62
N ASP A 521 31.93 -15.28 -2.11
CA ASP A 521 31.67 -15.37 -3.56
C ASP A 521 32.37 -14.29 -4.40
N GLY A 522 33.05 -14.72 -5.47
CA GLY A 522 33.82 -13.82 -6.33
C GLY A 522 35.23 -13.42 -5.89
N PHE A 523 35.64 -13.80 -4.67
CA PHE A 523 36.94 -13.38 -4.13
C PHE A 523 38.01 -14.48 -4.30
N PRO A 524 39.31 -14.11 -4.22
CA PRO A 524 40.38 -15.08 -4.49
C PRO A 524 40.26 -16.36 -3.66
N VAL A 525 40.45 -17.51 -4.29
CA VAL A 525 40.49 -18.80 -3.61
C VAL A 525 41.94 -18.96 -3.19
N PRO A 526 42.23 -19.01 -1.88
CA PRO A 526 43.65 -19.20 -1.53
C PRO A 526 44.27 -20.49 -2.09
N ALA A 527 45.52 -20.41 -2.52
CA ALA A 527 46.27 -21.55 -3.07
C ALA A 527 46.15 -22.83 -2.22
N ASN A 528 46.28 -22.67 -0.91
CA ASN A 528 46.26 -23.81 0.01
C ASN A 528 44.88 -24.38 0.35
N ILE A 529 43.82 -23.93 -0.31
CA ILE A 529 42.52 -24.64 -0.25
C ILE A 529 42.11 -25.25 -1.60
N ILE A 530 43.02 -25.32 -2.55
CA ILE A 530 42.74 -25.95 -3.85
C ILE A 530 43.01 -27.45 -3.78
N TRP A 531 42.04 -28.24 -4.25
CA TRP A 531 42.17 -29.69 -4.36
C TRP A 531 41.86 -30.14 -5.78
N HIS A 532 42.66 -31.09 -6.28
CA HIS A 532 42.43 -31.71 -7.57
C HIS A 532 42.03 -33.15 -7.32
N PHE A 533 40.78 -33.47 -7.69
CA PHE A 533 40.32 -34.86 -7.68
C PHE A 533 40.72 -35.52 -8.98
N LYS A 534 41.86 -36.21 -8.98
CA LYS A 534 42.38 -36.84 -10.21
C LYS A 534 41.45 -37.95 -10.70
N GLU A 535 41.54 -38.27 -11.99
CA GLU A 535 40.73 -39.34 -12.60
C GLU A 535 40.89 -40.69 -11.85
N ASP A 536 42.11 -40.95 -11.37
CA ASP A 536 42.45 -42.20 -10.65
C ASP A 536 42.04 -42.29 -9.16
N GLY A 537 41.24 -41.33 -8.66
CA GLY A 537 40.78 -41.35 -7.27
C GLY A 537 41.71 -40.68 -6.27
N THR A 538 42.81 -40.10 -6.76
CA THR A 538 43.76 -39.38 -5.96
C THR A 538 43.16 -37.98 -5.62
N ILE A 539 43.38 -37.53 -4.38
CA ILE A 539 43.00 -36.19 -3.96
C ILE A 539 44.33 -35.49 -3.74
N PHE A 540 44.70 -34.70 -4.74
CA PHE A 540 45.98 -34.02 -4.82
C PHE A 540 45.81 -32.56 -4.34
N HIS A 541 46.78 -32.11 -3.53
CA HIS A 541 46.84 -30.76 -3.01
C HIS A 541 48.00 -30.05 -3.71
N PRO A 542 47.72 -29.29 -4.78
CA PRO A 542 48.86 -28.81 -5.59
C PRO A 542 49.81 -27.84 -4.90
N HIS A 543 49.35 -27.10 -3.89
CA HIS A 543 50.22 -26.12 -3.24
C HIS A 543 51.26 -26.79 -2.35
N SER A 544 50.85 -27.79 -1.60
CA SER A 544 51.79 -28.57 -0.81
C SER A 544 52.52 -29.59 -1.69
N GLY A 545 51.90 -29.95 -2.81
CA GLY A 545 52.45 -30.99 -3.70
C GLY A 545 52.23 -32.42 -3.21
N LEU A 546 51.37 -32.57 -2.19
CA LEU A 546 51.13 -33.83 -1.51
C LEU A 546 49.73 -34.35 -1.85
N CYS A 547 49.49 -35.59 -1.42
CA CYS A 547 48.22 -36.29 -1.65
C CYS A 547 47.61 -36.74 -0.31
N LEU A 548 46.28 -36.76 -0.26
CA LEU A 548 45.58 -37.16 0.95
C LEU A 548 45.68 -38.67 1.07
N SER A 549 46.14 -39.17 2.21
CA SER A 549 46.33 -40.61 2.42
C SER A 549 45.69 -41.06 3.70
N ALA A 550 44.98 -42.18 3.63
CA ALA A 550 44.55 -42.90 4.83
C ALA A 550 45.78 -43.55 5.45
N TYR A 551 45.79 -43.67 6.77
CA TYR A 551 46.79 -44.44 7.48
C TYR A 551 46.18 -44.83 8.83
N ARG A 552 46.85 -45.69 9.58
CA ARG A 552 46.43 -46.04 10.93
C ARG A 552 47.47 -45.49 11.90
N THR A 553 47.03 -44.97 13.05
CA THR A 553 47.96 -44.49 14.10
C THR A 553 48.75 -45.71 14.60
N PRO A 554 49.90 -45.49 15.28
CA PRO A 554 50.52 -46.66 15.94
C PRO A 554 49.57 -47.46 16.86
N GLU A 555 48.60 -46.76 17.48
CA GLU A 555 47.57 -47.37 18.32
C GLU A 555 46.41 -48.01 17.54
N GLY A 556 46.40 -47.89 16.21
CA GLY A 556 45.41 -48.59 15.37
C GLY A 556 44.24 -47.76 14.87
N ARG A 557 44.09 -46.52 15.34
CA ARG A 557 42.97 -45.66 14.90
C ARG A 557 43.13 -45.14 13.46
N PRO A 558 42.09 -45.34 12.62
CA PRO A 558 42.22 -44.78 11.26
C PRO A 558 42.27 -43.25 11.28
N ASP A 559 43.06 -42.68 10.38
CA ASP A 559 43.30 -41.24 10.33
C ASP A 559 43.76 -40.86 8.90
N VAL A 560 43.88 -39.56 8.62
CA VAL A 560 44.43 -39.11 7.34
C VAL A 560 45.61 -38.19 7.56
N GLN A 561 46.42 -38.07 6.51
CA GLN A 561 47.64 -37.26 6.53
C GLN A 561 48.03 -36.98 5.07
N MET A 562 48.76 -35.89 4.87
CA MET A 562 49.26 -35.55 3.54
C MET A 562 50.62 -36.27 3.39
N ARG A 563 50.75 -37.00 2.27
CA ARG A 563 51.92 -37.83 1.98
C ARG A 563 52.39 -37.57 0.55
N THR A 564 53.62 -37.98 0.28
CA THR A 564 54.16 -37.87 -1.06
C THR A 564 53.30 -38.81 -1.96
N CYS A 565 52.92 -38.33 -3.14
CA CYS A 565 51.91 -38.96 -3.96
C CYS A 565 52.36 -40.27 -4.58
N ASP A 566 51.44 -41.23 -4.66
CA ASP A 566 51.75 -42.56 -5.14
C ASP A 566 50.43 -43.18 -5.54
N ALA A 567 50.11 -43.09 -6.83
CA ALA A 567 48.85 -43.60 -7.38
C ALA A 567 48.68 -45.12 -7.27
N LEU A 568 49.77 -45.85 -7.00
CA LEU A 568 49.73 -47.30 -6.73
C LEU A 568 49.41 -47.67 -5.27
N ASP A 569 49.37 -46.67 -4.38
CA ASP A 569 49.03 -46.89 -2.98
C ASP A 569 47.52 -46.68 -2.82
N LYS A 570 46.80 -47.77 -2.57
CA LYS A 570 45.34 -47.72 -2.36
C LYS A 570 44.89 -46.80 -1.20
N ASN A 571 45.80 -46.51 -0.26
CA ASN A 571 45.49 -45.54 0.80
C ASN A 571 45.35 -44.09 0.33
N GLN A 572 45.78 -43.77 -0.89
CA GLN A 572 45.57 -42.45 -1.48
C GLN A 572 44.45 -42.44 -2.52
N ILE A 573 43.58 -43.46 -2.51
CA ILE A 573 42.48 -43.53 -3.47
C ILE A 573 41.16 -43.35 -2.71
N TRP A 574 40.28 -42.55 -3.29
CA TRP A 574 39.07 -42.11 -2.60
C TRP A 574 37.94 -41.99 -3.58
N SER A 575 36.71 -42.10 -3.08
CA SER A 575 35.55 -42.00 -3.94
C SER A 575 34.35 -41.32 -3.28
N PHE A 576 33.66 -40.47 -4.03
CA PHE A 576 32.40 -39.86 -3.59
C PHE A 576 31.32 -40.92 -3.64
N GLU A 577 30.49 -40.96 -2.61
CA GLU A 577 29.25 -41.76 -2.55
C GLU A 577 28.09 -40.92 -1.99
N LYS A 578 26.85 -41.17 -2.43
CA LYS A 578 25.69 -40.34 -2.03
C LYS A 578 24.51 -41.21 -1.63
N LEU B 59 1.20 -14.55 -23.48
CA LEU B 59 0.19 -13.68 -24.18
C LEU B 59 0.02 -12.29 -23.54
N SER B 60 0.59 -12.12 -22.35
CA SER B 60 0.66 -10.79 -21.75
C SER B 60 1.71 -9.95 -22.47
N ARG B 61 2.62 -10.58 -23.22
CA ARG B 61 3.79 -9.86 -23.78
C ARG B 61 3.39 -8.65 -24.61
N PRO B 62 4.08 -7.49 -24.40
CA PRO B 62 3.85 -6.32 -25.23
C PRO B 62 4.57 -6.43 -26.57
N LEU B 63 4.21 -5.56 -27.50
CA LEU B 63 4.88 -5.50 -28.80
C LEU B 63 6.37 -5.19 -28.68
N TYR B 64 6.75 -4.36 -27.71
CA TYR B 64 8.14 -4.00 -27.48
C TYR B 64 8.35 -4.06 -26.01
N LYS B 65 9.50 -4.57 -25.59
CA LYS B 65 9.81 -4.72 -24.15
C LYS B 65 10.64 -3.53 -23.69
N LYS B 66 10.40 -3.00 -22.50
CA LYS B 66 11.25 -1.95 -21.97
C LYS B 66 12.63 -2.56 -21.78
N PRO B 67 13.69 -1.75 -21.99
CA PRO B 67 15.00 -2.21 -21.58
C PRO B 67 15.04 -2.35 -20.08
N PRO B 68 16.02 -3.08 -19.55
CA PRO B 68 16.18 -3.19 -18.11
C PRO B 68 16.13 -1.85 -17.36
N ALA B 69 15.48 -1.85 -16.21
CA ALA B 69 15.44 -0.68 -15.36
C ALA B 69 16.87 -0.30 -14.93
N ASP B 70 17.10 1.00 -14.79
CA ASP B 70 18.43 1.54 -14.46
C ASP B 70 18.25 2.61 -13.42
N SER B 71 18.54 2.27 -12.16
CA SER B 71 18.38 3.18 -11.02
C SER B 71 19.34 4.37 -10.99
N ARG B 72 20.36 4.34 -11.84
CA ARG B 72 21.26 5.47 -12.08
C ARG B 72 20.64 6.52 -13.02
N ALA B 73 19.68 6.10 -13.83
CA ALA B 73 19.09 6.92 -14.88
C ALA B 73 18.09 7.90 -14.33
N LEU B 74 18.09 9.09 -14.93
CA LEU B 74 17.28 10.21 -14.46
C LEU B 74 15.77 9.88 -14.52
N GLY B 75 15.09 10.02 -13.39
CA GLY B 75 13.63 9.79 -13.35
C GLY B 75 13.15 8.34 -13.48
N GLU B 76 14.08 7.39 -13.27
CA GLU B 76 13.71 6.00 -13.27
C GLU B 76 12.68 5.72 -12.18
N TRP B 77 11.76 4.81 -12.51
CA TRP B 77 10.62 4.42 -11.66
C TRP B 77 9.57 5.49 -11.45
N GLY B 78 9.65 6.62 -12.17
CA GLY B 78 8.75 7.76 -11.87
C GLY B 78 9.10 8.61 -10.66
N LYS B 79 10.32 8.46 -10.15
CA LYS B 79 10.77 9.28 -9.04
C LYS B 79 11.02 10.69 -9.51
N ALA B 80 11.01 11.64 -8.58
CA ALA B 80 11.28 13.05 -8.89
C ALA B 80 12.62 13.17 -9.62
N SER B 81 12.72 14.15 -10.52
CA SER B 81 14.03 14.48 -11.11
C SER B 81 14.38 15.92 -10.81
N LYS B 82 15.67 16.13 -10.54
CA LYS B 82 16.27 17.45 -10.37
C LYS B 82 17.66 17.40 -11.04
N LEU B 83 17.90 18.40 -11.88
CA LEU B 83 19.18 18.58 -12.55
C LEU B 83 19.96 19.71 -11.84
N GLN B 84 21.30 19.59 -11.87
CA GLN B 84 22.22 20.67 -11.41
C GLN B 84 22.61 21.47 -12.66
N LEU B 85 22.12 22.69 -12.78
CA LEU B 85 22.30 23.43 -14.02
C LEU B 85 23.07 24.71 -13.76
N ASN B 86 23.95 25.07 -14.69
CA ASN B 86 24.60 26.39 -14.66
C ASN B 86 23.58 27.44 -15.07
N GLU B 87 23.99 28.70 -15.18
CA GLU B 87 23.01 29.78 -15.27
CA GLU B 87 23.03 29.81 -15.30
C GLU B 87 22.43 29.89 -16.69
N ASP B 88 23.23 29.59 -17.73
CA ASP B 88 22.63 29.52 -19.08
C ASP B 88 21.65 28.34 -19.24
N GLU B 89 22.01 27.19 -18.69
CA GLU B 89 21.15 26.00 -18.73
C GLU B 89 19.81 26.26 -18.01
N LEU B 90 19.84 26.97 -16.89
CA LEU B 90 18.63 27.39 -16.20
C LEU B 90 17.73 28.28 -17.08
N LYS B 91 18.33 29.20 -17.82
CA LYS B 91 17.58 30.04 -18.76
C LYS B 91 16.89 29.23 -19.88
N GLN B 92 17.57 28.23 -20.39
CA GLN B 92 17.05 27.31 -21.41
C GLN B 92 15.89 26.49 -20.84
N GLN B 93 16.04 25.98 -19.61
CA GLN B 93 14.96 25.23 -18.95
C GLN B 93 13.71 26.12 -18.75
N GLU B 94 13.91 27.33 -18.25
CA GLU B 94 12.78 28.24 -18.03
C GLU B 94 12.12 28.69 -19.34
N GLU B 95 12.91 28.84 -20.42
CA GLU B 95 12.41 29.15 -21.80
C GLU B 95 11.36 28.14 -22.24
N LEU B 96 11.73 26.86 -22.06
CA LEU B 96 10.86 25.80 -22.52
C LEU B 96 9.58 25.70 -21.67
N ILE B 97 9.68 25.89 -20.36
CA ILE B 97 8.51 25.94 -19.50
C ILE B 97 7.63 27.12 -19.87
N GLU B 98 8.21 28.28 -20.20
CA GLU B 98 7.39 29.43 -20.64
C GLU B 98 6.62 29.08 -21.89
N ARG B 99 7.26 28.35 -22.81
CA ARG B 99 6.59 27.99 -24.06
C ARG B 99 5.63 26.79 -23.97
N TYR B 100 5.99 25.77 -23.21
CA TYR B 100 5.27 24.49 -23.18
C TYR B 100 4.42 24.22 -21.93
N ALA B 101 4.62 25.03 -20.89
CA ALA B 101 4.01 24.79 -19.57
C ALA B 101 4.36 23.43 -18.97
N ILE B 102 5.47 22.86 -19.45
CA ILE B 102 6.03 21.60 -18.99
C ILE B 102 7.56 21.72 -19.06
N ASN B 103 8.27 21.06 -18.14
CA ASN B 103 9.72 21.11 -18.12
C ASN B 103 10.26 20.15 -19.17
N ILE B 104 10.25 20.68 -20.40
CA ILE B 104 10.71 19.94 -21.57
C ILE B 104 12.23 19.73 -21.50
N TYR B 105 12.97 20.69 -20.98
CA TYR B 105 14.42 20.51 -20.80
C TYR B 105 14.73 19.22 -19.98
N LEU B 106 13.93 18.99 -18.94
CA LEU B 106 14.05 17.81 -18.12
C LEU B 106 13.51 16.55 -18.80
N SER B 107 12.33 16.66 -19.42
CA SER B 107 11.74 15.54 -20.18
C SER B 107 12.71 15.02 -21.22
N ASP B 108 13.42 15.94 -21.87
CA ASP B 108 14.37 15.56 -22.89
C ASP B 108 15.51 14.68 -22.42
N ARG B 109 15.78 14.71 -21.12
CA ARG B 109 16.85 13.95 -20.47
C ARG B 109 16.35 12.70 -19.71
N ILE B 110 15.05 12.49 -19.67
CA ILE B 110 14.49 11.30 -19.05
C ILE B 110 14.18 10.29 -20.20
N SER B 111 14.46 9.01 -19.94
CA SER B 111 14.25 7.99 -20.94
C SER B 111 12.84 8.01 -21.48
N LEU B 112 12.69 7.87 -22.80
CA LEU B 112 11.39 7.71 -23.43
C LEU B 112 10.70 6.39 -23.05
N HIS B 113 11.46 5.48 -22.42
CA HIS B 113 11.04 4.13 -22.05
C HIS B 113 11.12 3.84 -20.54
N ARG B 114 11.15 4.87 -19.68
CA ARG B 114 11.39 4.67 -18.29
C ARG B 114 10.33 3.73 -17.65
N HIS B 115 10.74 3.05 -16.61
CA HIS B 115 9.79 2.32 -15.77
C HIS B 115 9.00 3.24 -14.87
N ILE B 116 7.77 2.83 -14.57
CA ILE B 116 7.01 3.45 -13.48
C ILE B 116 6.80 2.36 -12.46
N GLU B 117 7.08 2.70 -11.20
CA GLU B 117 6.89 1.73 -10.16
C GLU B 117 5.43 1.51 -9.93
N ASP B 118 5.07 0.21 -9.90
CA ASP B 118 3.68 -0.23 -9.76
C ASP B 118 3.37 -0.39 -8.28
N LYS B 119 2.54 0.50 -7.75
CA LYS B 119 2.23 0.60 -6.34
C LYS B 119 0.75 0.37 -6.15
N ARG B 120 0.11 -0.29 -7.11
CA ARG B 120 -1.31 -0.57 -7.03
C ARG B 120 -1.61 -1.53 -5.88
N MET B 121 -2.88 -1.57 -5.53
CA MET B 121 -3.39 -2.59 -4.62
CA MET B 121 -3.38 -2.59 -4.63
C MET B 121 -2.91 -3.98 -5.04
N TYR B 122 -2.41 -4.75 -4.07
CA TYR B 122 -1.87 -6.14 -4.32
C TYR B 122 -2.81 -7.06 -5.13
N GLU B 123 -4.12 -7.01 -4.87
CA GLU B 123 -5.03 -7.84 -5.62
C GLU B 123 -4.98 -7.55 -7.13
N CYS B 124 -4.79 -6.27 -7.50
CA CYS B 124 -4.64 -5.88 -8.88
C CYS B 124 -3.54 -6.66 -9.62
N LYS B 125 -2.42 -6.87 -8.95
CA LYS B 125 -1.21 -7.41 -9.59
C LYS B 125 -1.26 -8.95 -9.70
N SER B 126 -2.21 -9.58 -9.01
CA SER B 126 -2.36 -11.04 -9.08
C SER B 126 -3.54 -11.47 -9.93
N GLN B 127 -4.30 -10.53 -10.52
CA GLN B 127 -5.42 -10.90 -11.38
C GLN B 127 -4.89 -11.68 -12.60
N LYS B 128 -5.66 -12.69 -13.01
CA LYS B 128 -5.42 -13.44 -14.23
C LYS B 128 -6.48 -13.01 -15.27
N PHE B 129 -6.06 -12.98 -16.51
CA PHE B 129 -6.92 -12.67 -17.64
C PHE B 129 -6.92 -13.79 -18.70
N ASN B 130 -8.05 -13.94 -19.39
CA ASN B 130 -8.08 -14.80 -20.58
C ASN B 130 -7.81 -13.93 -21.83
N TYR B 131 -6.54 -13.85 -22.20
CA TYR B 131 -6.12 -13.09 -23.33
C TYR B 131 -6.68 -13.53 -24.68
N ARG B 132 -7.09 -14.78 -24.81
CA ARG B 132 -7.71 -15.28 -26.05
C ARG B 132 -9.12 -14.79 -26.23
N THR B 133 -9.81 -14.47 -25.15
CA THR B 133 -11.18 -13.97 -25.22
C THR B 133 -11.41 -12.46 -24.90
N LEU B 134 -10.40 -11.75 -24.41
CA LEU B 134 -10.57 -10.30 -24.20
C LEU B 134 -10.79 -9.57 -25.53
N PRO B 135 -11.52 -8.43 -25.52
CA PRO B 135 -11.60 -7.60 -26.70
C PRO B 135 -10.32 -6.82 -27.03
N THR B 136 -10.17 -6.47 -28.29
CA THR B 136 -9.03 -5.73 -28.76
C THR B 136 -9.32 -4.24 -28.59
N THR B 137 -8.28 -3.45 -28.63
CA THR B 137 -8.49 -2.00 -28.55
C THR B 137 -7.67 -1.27 -29.58
N SER B 138 -8.22 -0.14 -30.01
CA SER B 138 -7.51 0.87 -30.80
CA SER B 138 -7.52 0.84 -30.81
C SER B 138 -7.26 2.02 -29.82
N VAL B 139 -6.00 2.36 -29.60
CA VAL B 139 -5.62 3.51 -28.74
C VAL B 139 -5.54 4.80 -29.62
N ILE B 140 -6.24 5.86 -29.20
CA ILE B 140 -6.41 7.09 -29.99
C ILE B 140 -5.74 8.20 -29.16
N ILE B 141 -4.77 8.90 -29.77
CA ILE B 141 -4.07 9.99 -29.14
C ILE B 141 -4.03 11.15 -30.14
N ALA B 142 -4.78 12.21 -29.82
CA ALA B 142 -4.75 13.42 -30.61
C ALA B 142 -3.63 14.34 -30.01
N PHE B 143 -2.98 15.16 -30.84
CA PHE B 143 -1.95 16.12 -30.36
C PHE B 143 -1.91 17.38 -31.20
N TYR B 144 -1.54 18.48 -30.57
CA TYR B 144 -1.33 19.74 -31.23
C TYR B 144 -0.06 20.39 -30.62
N ASN B 145 1.02 20.42 -31.38
CA ASN B 145 2.28 21.14 -30.98
C ASN B 145 2.86 20.63 -29.63
N GLU B 146 2.73 19.32 -29.44
CA GLU B 146 3.30 18.63 -28.29
C GLU B 146 4.80 18.57 -28.48
N ALA B 147 5.52 18.72 -27.36
CA ALA B 147 6.97 18.51 -27.38
C ALA B 147 7.29 17.04 -27.79
N TRP B 148 8.44 16.85 -28.42
CA TRP B 148 8.83 15.54 -28.95
C TRP B 148 8.94 14.51 -27.85
N SER B 149 9.67 14.84 -26.78
CA SER B 149 9.94 13.87 -25.70
C SER B 149 8.69 13.38 -24.95
N THR B 150 7.77 14.30 -24.65
CA THR B 150 6.48 13.86 -24.08
C THR B 150 5.56 13.09 -25.04
N LEU B 151 5.42 13.56 -26.28
CA LEU B 151 4.69 12.80 -27.28
C LEU B 151 5.27 11.38 -27.45
N LEU B 152 6.56 11.25 -27.64
CA LEU B 152 7.14 9.90 -27.86
C LEU B 152 7.15 9.01 -26.61
N ARG B 153 7.30 9.60 -25.43
CA ARG B 153 7.28 8.78 -24.21
C ARG B 153 5.89 8.17 -24.11
N THR B 154 4.86 8.92 -24.49
CA THR B 154 3.49 8.36 -24.48
C THR B 154 3.42 7.14 -25.36
N ILE B 155 3.87 7.26 -26.60
CA ILE B 155 3.74 6.22 -27.61
C ILE B 155 4.46 4.93 -27.14
N HIS B 156 5.70 5.12 -26.68
CA HIS B 156 6.52 4.02 -26.23
C HIS B 156 5.92 3.40 -25.00
N SER B 157 5.34 4.22 -24.16
CA SER B 157 4.69 3.72 -22.94
C SER B 157 3.55 2.81 -23.29
N VAL B 158 2.73 3.22 -24.24
CA VAL B 158 1.58 2.37 -24.65
C VAL B 158 2.13 1.06 -25.26
N LEU B 159 3.08 1.19 -26.14
CA LEU B 159 3.66 0.03 -26.81
C LEU B 159 4.30 -0.96 -25.85
N GLU B 160 4.87 -0.46 -24.74
CA GLU B 160 5.67 -1.29 -23.83
C GLU B 160 4.88 -1.85 -22.68
N THR B 161 3.70 -1.30 -22.42
CA THR B 161 2.89 -1.73 -21.28
C THR B 161 1.61 -2.44 -21.66
N SER B 162 1.31 -2.50 -22.96
CA SER B 162 0.07 -3.09 -23.47
C SER B 162 0.30 -4.48 -24.11
N PRO B 163 -0.44 -5.52 -23.70
CA PRO B 163 -0.35 -6.80 -24.44
C PRO B 163 -0.53 -6.67 -25.96
N ALA B 164 0.44 -7.17 -26.73
CA ALA B 164 0.37 -7.20 -28.18
C ALA B 164 -0.94 -7.84 -28.69
N VAL B 165 -1.32 -8.99 -28.14
CA VAL B 165 -2.58 -9.63 -28.58
C VAL B 165 -3.85 -8.74 -28.42
N LEU B 166 -3.83 -7.75 -27.55
CA LEU B 166 -4.99 -6.85 -27.35
C LEU B 166 -4.89 -5.47 -28.03
N LEU B 167 -3.65 -5.00 -28.31
CA LEU B 167 -3.42 -3.71 -28.96
C LEU B 167 -3.44 -3.85 -30.46
N LYS B 168 -4.59 -3.61 -31.05
CA LYS B 168 -4.79 -3.63 -32.50
C LYS B 168 -3.99 -2.49 -33.18
N GLU B 169 -3.94 -1.31 -32.56
CA GLU B 169 -3.31 -0.15 -33.22
C GLU B 169 -3.26 1.03 -32.28
N ILE B 170 -2.25 1.86 -32.46
CA ILE B 170 -2.22 3.22 -31.90
C ILE B 170 -2.51 4.18 -33.07
N ILE B 171 -3.52 5.04 -32.93
CA ILE B 171 -3.87 5.99 -33.98
C ILE B 171 -3.53 7.37 -33.44
N LEU B 172 -2.46 7.94 -33.98
CA LEU B 172 -2.04 9.30 -33.60
C LEU B 172 -2.76 10.29 -34.51
N VAL B 173 -3.33 11.35 -33.95
CA VAL B 173 -4.01 12.33 -34.77
C VAL B 173 -3.32 13.67 -34.56
N ASP B 174 -2.62 14.11 -35.60
CA ASP B 174 -2.01 15.38 -35.67
C ASP B 174 -3.07 16.36 -36.06
N ASP B 175 -3.51 17.14 -35.06
CA ASP B 175 -4.51 18.18 -35.26
C ASP B 175 -3.85 19.51 -35.75
N LEU B 176 -3.38 19.50 -37.00
CA LEU B 176 -2.76 20.66 -37.67
C LEU B 176 -1.66 21.29 -36.84
N SER B 177 -0.71 20.47 -36.43
CA SER B 177 0.48 20.99 -35.75
C SER B 177 1.30 21.85 -36.71
N ASP B 178 2.05 22.78 -36.14
CA ASP B 178 3.08 23.62 -36.88
C ASP B 178 4.50 23.11 -36.78
N ARG B 179 4.79 22.47 -35.68
CA ARG B 179 6.15 22.09 -35.35
C ARG B 179 6.73 21.22 -36.41
N VAL B 180 7.93 21.60 -36.87
CA VAL B 180 8.56 20.89 -37.96
C VAL B 180 8.94 19.46 -37.56
N TYR B 181 9.28 19.20 -36.29
CA TYR B 181 9.58 17.81 -35.86
C TYR B 181 8.32 16.88 -35.88
N LEU B 182 7.13 17.46 -35.91
CA LEU B 182 5.88 16.65 -36.01
C LEU B 182 5.44 16.36 -37.46
N LYS B 183 6.26 16.81 -38.44
CA LYS B 183 5.95 16.58 -39.86
C LYS B 183 6.63 15.29 -40.33
N THR B 184 7.46 15.38 -41.37
CA THR B 184 8.01 14.19 -42.01
C THR B 184 8.81 13.25 -41.10
N GLN B 185 9.63 13.78 -40.21
CA GLN B 185 10.35 12.92 -39.26
C GLN B 185 9.51 12.15 -38.33
N LEU B 186 8.36 12.66 -37.86
CA LEU B 186 7.46 11.80 -37.04
C LEU B 186 6.98 10.58 -37.81
N GLU B 187 6.64 10.74 -39.10
CA GLU B 187 6.18 9.62 -39.95
C GLU B 187 7.27 8.58 -40.12
N THR B 188 8.51 9.04 -40.29
CA THR B 188 9.66 8.17 -40.39
C THR B 188 9.87 7.43 -39.06
N TYR B 189 9.84 8.13 -37.95
CA TYR B 189 10.04 7.46 -36.65
C TYR B 189 8.95 6.39 -36.40
N ILE B 190 7.72 6.71 -36.75
CA ILE B 190 6.52 5.84 -36.59
C ILE B 190 6.45 4.68 -37.58
N SER B 191 7.10 4.83 -38.72
CA SER B 191 7.19 3.73 -39.70
C SER B 191 7.97 2.52 -39.17
N ASN B 192 8.82 2.73 -38.15
CA ASN B 192 9.57 1.68 -37.50
C ASN B 192 8.85 1.08 -36.30
N LEU B 193 7.68 1.61 -35.95
CA LEU B 193 6.91 1.15 -34.83
C LEU B 193 5.65 0.46 -35.33
N ASP B 194 5.66 -0.86 -35.17
CA ASP B 194 4.56 -1.78 -35.56
CA ASP B 194 4.56 -1.70 -35.62
C ASP B 194 3.25 -1.30 -34.95
N ARG B 195 2.21 -1.23 -35.78
CA ARG B 195 0.83 -0.92 -35.38
C ARG B 195 0.55 0.55 -35.03
N VAL B 196 1.55 1.43 -35.21
CA VAL B 196 1.37 2.83 -34.91
C VAL B 196 1.09 3.55 -36.22
N ARG B 197 -0.04 4.23 -36.30
CA ARG B 197 -0.47 5.00 -37.50
C ARG B 197 -0.67 6.47 -37.15
N LEU B 198 -0.37 7.35 -38.13
CA LEU B 198 -0.54 8.81 -38.00
C LEU B 198 -1.57 9.31 -39.01
N ILE B 199 -2.59 9.99 -38.48
CA ILE B 199 -3.60 10.66 -39.26
C ILE B 199 -3.40 12.15 -39.03
N ARG B 200 -3.52 12.91 -40.12
CA ARG B 200 -3.43 14.37 -40.09
C ARG B 200 -4.74 15.05 -40.46
N THR B 201 -5.18 15.99 -39.64
CA THR B 201 -6.36 16.76 -39.97
C THR B 201 -5.98 17.84 -41.01
N ASN B 202 -6.97 18.38 -41.70
CA ASN B 202 -6.72 19.49 -42.65
C ASN B 202 -7.11 20.86 -42.09
N LYS B 203 -7.51 20.88 -40.84
CA LYS B 203 -7.81 22.09 -40.15
C LYS B 203 -7.70 21.81 -38.65
N ARG B 204 -7.66 22.87 -37.85
CA ARG B 204 -7.52 22.74 -36.41
CA ARG B 204 -7.52 22.76 -36.39
C ARG B 204 -8.91 22.30 -35.89
N GLU B 205 -9.01 21.06 -35.49
CA GLU B 205 -10.30 20.48 -35.09
C GLU B 205 -10.65 20.64 -33.60
N GLY B 206 -9.63 20.63 -32.75
CA GLY B 206 -9.83 20.56 -31.27
C GLY B 206 -9.82 19.10 -30.77
N LEU B 207 -9.63 18.91 -29.48
CA LEU B 207 -9.49 17.56 -28.87
C LEU B 207 -10.58 16.59 -29.27
N VAL B 208 -11.81 17.00 -29.10
CA VAL B 208 -12.95 16.10 -29.34
C VAL B 208 -13.05 15.65 -30.79
N ARG B 209 -13.07 16.60 -31.70
CA ARG B 209 -13.19 16.28 -33.11
C ARG B 209 -11.99 15.56 -33.71
N ALA B 210 -10.81 15.83 -33.21
CA ALA B 210 -9.63 15.05 -33.61
C ALA B 210 -9.75 13.60 -33.17
N ARG B 211 -10.24 13.43 -31.95
CA ARG B 211 -10.53 12.14 -31.40
C ARG B 211 -11.53 11.43 -32.25
N LEU B 212 -12.62 12.10 -32.65
CA LEU B 212 -13.65 11.52 -33.59
C LEU B 212 -13.09 11.06 -34.93
N ILE B 213 -12.28 11.91 -35.56
CA ILE B 213 -11.57 11.52 -36.79
C ILE B 213 -10.75 10.25 -36.52
N GLY B 214 -10.06 10.16 -35.40
CA GLY B 214 -9.27 8.99 -35.11
C GLY B 214 -10.14 7.79 -34.91
N ALA B 215 -11.22 7.95 -34.14
CA ALA B 215 -12.13 6.81 -33.88
C ALA B 215 -12.69 6.26 -35.18
N THR B 216 -12.99 7.14 -36.16
CA THR B 216 -13.56 6.73 -37.47
C THR B 216 -12.66 5.73 -38.21
N PHE B 217 -11.34 5.91 -38.10
CA PHE B 217 -10.33 4.96 -38.65
C PHE B 217 -10.14 3.71 -37.82
N ALA B 218 -10.45 3.76 -36.53
CA ALA B 218 -10.21 2.62 -35.63
C ALA B 218 -11.11 1.44 -35.96
N THR B 219 -10.55 0.25 -35.92
CA THR B 219 -11.32 -1.02 -36.13
C THR B 219 -11.24 -1.98 -34.98
N GLY B 220 -10.63 -1.55 -33.87
CA GLY B 220 -10.55 -2.39 -32.66
C GLY B 220 -11.96 -2.60 -32.07
N ASP B 221 -12.13 -3.58 -31.18
CA ASP B 221 -13.41 -3.79 -30.51
C ASP B 221 -13.67 -2.56 -29.63
N VAL B 222 -12.62 -2.04 -28.99
CA VAL B 222 -12.76 -1.03 -27.95
C VAL B 222 -11.92 0.20 -28.28
N LEU B 223 -12.50 1.38 -28.18
CA LEU B 223 -11.75 2.61 -28.37
C LEU B 223 -11.21 3.07 -27.01
N THR B 224 -9.91 3.35 -26.97
CA THR B 224 -9.27 3.81 -25.72
C THR B 224 -8.64 5.14 -26.03
N PHE B 225 -9.21 6.20 -25.47
CA PHE B 225 -8.76 7.54 -25.72
C PHE B 225 -7.76 7.84 -24.61
N LEU B 226 -6.48 8.02 -24.96
CA LEU B 226 -5.46 8.54 -24.06
C LEU B 226 -5.16 9.96 -24.49
N ASP B 227 -4.07 10.55 -23.97
CA ASP B 227 -3.67 11.89 -24.41
C ASP B 227 -2.19 11.90 -24.74
N CYS B 228 -1.71 13.02 -25.25
CA CYS B 228 -0.37 13.07 -25.83
C CYS B 228 0.75 13.28 -24.81
N HIS B 229 0.45 13.33 -23.53
CA HIS B 229 1.56 13.31 -22.50
C HIS B 229 1.08 12.53 -21.33
N CYS B 230 1.03 11.23 -21.57
CA CYS B 230 0.67 10.22 -20.61
C CYS B 230 1.79 9.22 -20.46
N GLU B 231 1.79 8.55 -19.29
CA GLU B 231 2.64 7.35 -19.05
C GLU B 231 1.80 6.28 -18.36
N CYS B 232 1.78 5.07 -18.93
CA CYS B 232 0.88 4.01 -18.49
C CYS B 232 1.52 3.17 -17.38
N ASN B 233 0.74 2.84 -16.38
CA ASN B 233 1.21 1.91 -15.31
C ASN B 233 1.17 0.51 -15.87
N SER B 234 1.91 -0.42 -15.27
CA SER B 234 1.80 -1.82 -15.66
CA SER B 234 1.81 -1.83 -15.57
C SER B 234 0.37 -2.25 -15.42
N GLY B 235 -0.09 -3.07 -16.34
CA GLY B 235 -1.42 -3.72 -16.25
C GLY B 235 -2.60 -2.79 -16.42
N TRP B 236 -2.38 -1.63 -17.03
CA TRP B 236 -3.40 -0.57 -17.14
C TRP B 236 -4.55 -1.00 -18.06
N LEU B 237 -4.27 -1.84 -19.05
CA LEU B 237 -5.26 -2.06 -20.11
C LEU B 237 -6.23 -3.23 -19.82
N GLU B 238 -5.70 -4.33 -19.29
CA GLU B 238 -6.52 -5.53 -19.05
C GLU B 238 -7.78 -5.23 -18.23
N PRO B 239 -7.66 -4.43 -17.17
CA PRO B 239 -8.87 -4.21 -16.36
C PRO B 239 -10.03 -3.50 -17.10
N LEU B 240 -9.66 -2.64 -18.06
CA LEU B 240 -10.60 -1.88 -18.84
C LEU B 240 -11.33 -2.81 -19.81
N LEU B 241 -10.54 -3.56 -20.56
CA LEU B 241 -11.01 -4.50 -21.57
C LEU B 241 -11.79 -5.71 -20.94
N GLU B 242 -11.33 -6.21 -19.81
CA GLU B 242 -12.04 -7.25 -19.06
CA GLU B 242 -12.06 -7.28 -19.11
C GLU B 242 -13.46 -6.80 -18.71
N ARG B 243 -13.60 -5.56 -18.27
CA ARG B 243 -14.91 -5.08 -17.79
C ARG B 243 -15.81 -4.86 -18.99
N ILE B 244 -15.28 -4.22 -20.02
CA ILE B 244 -16.10 -3.97 -21.22
C ILE B 244 -16.50 -5.28 -21.93
N GLY B 245 -15.64 -6.29 -21.80
CA GLY B 245 -15.94 -7.66 -22.21
C GLY B 245 -17.11 -8.27 -21.41
N ARG B 246 -17.30 -7.87 -20.15
CA ARG B 246 -18.43 -8.35 -19.39
CA ARG B 246 -18.47 -8.29 -19.34
C ARG B 246 -19.72 -7.52 -19.65
N ASP B 247 -19.58 -6.22 -19.88
CA ASP B 247 -20.70 -5.32 -20.12
C ASP B 247 -20.26 -4.27 -21.16
N GLU B 248 -20.73 -4.47 -22.40
CA GLU B 248 -20.35 -3.54 -23.51
C GLU B 248 -20.86 -2.10 -23.34
N THR B 249 -21.75 -1.86 -22.38
CA THR B 249 -22.25 -0.54 -22.13
C THR B 249 -21.46 0.15 -21.01
N ALA B 250 -20.41 -0.49 -20.50
CA ALA B 250 -19.52 0.15 -19.52
C ALA B 250 -18.46 1.03 -20.19
N VAL B 251 -18.48 2.33 -19.89
CA VAL B 251 -17.46 3.31 -20.30
C VAL B 251 -16.52 3.36 -19.12
N VAL B 252 -15.30 2.88 -19.32
CA VAL B 252 -14.38 2.57 -18.18
C VAL B 252 -13.12 3.43 -18.23
N CYS B 253 -12.83 4.08 -17.11
CA CYS B 253 -11.73 5.01 -17.05
C CYS B 253 -10.60 4.51 -16.11
N PRO B 254 -9.32 4.70 -16.49
CA PRO B 254 -8.26 4.54 -15.54
C PRO B 254 -8.37 5.57 -14.44
N VAL B 255 -7.77 5.26 -13.30
CA VAL B 255 -7.43 6.31 -12.35
C VAL B 255 -6.30 7.14 -13.01
N ILE B 256 -6.46 8.49 -13.03
CA ILE B 256 -5.55 9.44 -13.67
C ILE B 256 -4.63 10.00 -12.61
N ASP B 257 -3.40 9.57 -12.61
CA ASP B 257 -2.43 9.93 -11.59
C ASP B 257 -1.69 11.15 -12.14
N THR B 258 -1.10 11.95 -11.28
CA THR B 258 -0.50 13.19 -11.73
C THR B 258 0.97 12.95 -11.99
N ILE B 259 1.45 13.45 -13.13
CA ILE B 259 2.87 13.48 -13.41
C ILE B 259 3.25 14.93 -13.30
N ASP B 260 4.22 15.20 -12.44
CA ASP B 260 4.59 16.54 -12.09
C ASP B 260 5.23 17.22 -13.31
N TRP B 261 4.71 18.38 -13.73
CA TRP B 261 5.20 19.03 -14.93
C TRP B 261 6.62 19.56 -14.78
N ASN B 262 7.08 19.77 -13.54
CA ASN B 262 8.40 20.35 -13.28
C ASN B 262 9.44 19.28 -12.95
N THR B 263 9.07 18.27 -12.16
CA THR B 263 10.02 17.24 -11.73
C THR B 263 9.84 15.90 -12.43
N PHE B 264 8.74 15.76 -13.17
CA PHE B 264 8.35 14.47 -13.77
C PHE B 264 8.11 13.29 -12.79
N GLU B 265 7.98 13.58 -11.49
CA GLU B 265 7.56 12.55 -10.51
C GLU B 265 6.14 12.06 -10.87
N PHE B 266 6.00 10.74 -10.92
CA PHE B 266 4.72 10.07 -11.10
C PHE B 266 4.13 9.82 -9.71
N TYR B 267 3.05 10.53 -9.35
CA TYR B 267 2.38 10.39 -8.04
C TYR B 267 1.19 9.43 -8.19
N MET B 268 1.31 8.19 -7.72
CA MET B 268 0.22 7.24 -7.83
C MET B 268 -0.78 7.37 -6.70
N GLN B 269 -2.06 7.41 -7.03
CA GLN B 269 -3.11 7.39 -6.00
C GLN B 269 -3.04 6.00 -5.44
N ILE B 270 -2.90 5.91 -4.11
CA ILE B 270 -2.86 4.61 -3.45
C ILE B 270 -4.27 4.40 -2.83
N GLY B 271 -4.82 3.21 -3.09
CA GLY B 271 -6.09 2.82 -2.49
C GLY B 271 -7.25 3.39 -3.25
N GLU B 272 -8.25 3.90 -2.50
CA GLU B 272 -9.55 4.27 -3.07
C GLU B 272 -9.53 5.63 -3.80
N PRO B 273 -9.85 5.59 -5.09
CA PRO B 273 -9.84 6.85 -5.78
C PRO B 273 -11.07 7.67 -5.45
N MET B 274 -10.98 8.96 -5.70
CA MET B 274 -12.09 9.87 -5.59
C MET B 274 -12.80 9.79 -6.93
N ILE B 275 -14.06 10.19 -6.99
CA ILE B 275 -14.83 10.04 -8.22
C ILE B 275 -15.51 11.34 -8.59
N GLY B 276 -16.14 11.32 -9.77
CA GLY B 276 -16.57 12.51 -10.40
C GLY B 276 -17.98 12.85 -10.15
N GLY B 277 -18.21 14.13 -9.82
CA GLY B 277 -19.53 14.71 -9.95
C GLY B 277 -19.53 16.19 -10.24
N PHE B 278 -20.45 16.91 -9.61
CA PHE B 278 -20.70 18.32 -9.94
C PHE B 278 -21.46 19.02 -8.82
N ASP B 279 -21.39 20.34 -8.80
CA ASP B 279 -22.25 21.17 -7.91
C ASP B 279 -23.31 21.81 -8.81
N TRP B 280 -24.20 22.60 -8.22
CA TRP B 280 -25.34 23.14 -8.94
C TRP B 280 -25.01 24.33 -9.85
N ARG B 281 -23.78 24.83 -9.77
CA ARG B 281 -23.22 25.66 -10.85
C ARG B 281 -22.70 24.83 -12.03
N LEU B 282 -22.75 23.50 -11.89
CA LEU B 282 -22.25 22.53 -12.85
C LEU B 282 -20.76 22.61 -13.02
N THR B 283 -20.07 23.05 -11.98
CA THR B 283 -18.63 22.97 -11.89
C THR B 283 -18.29 21.54 -11.46
N PHE B 284 -17.25 20.98 -12.08
CA PHE B 284 -16.80 19.64 -11.70
C PHE B 284 -16.36 19.66 -10.26
N GLN B 285 -16.78 18.65 -9.48
CA GLN B 285 -16.26 18.43 -8.13
C GLN B 285 -15.96 16.96 -7.87
N TRP B 286 -14.88 16.71 -7.17
CA TRP B 286 -14.57 15.38 -6.65
C TRP B 286 -15.47 15.03 -5.48
N HIS B 287 -15.82 13.76 -5.34
CA HIS B 287 -16.39 13.26 -4.08
C HIS B 287 -15.90 11.90 -3.82
N SER B 288 -16.01 11.53 -2.55
CA SER B 288 -15.67 10.21 -2.05
C SER B 288 -16.66 9.15 -2.51
N VAL B 289 -16.18 7.92 -2.68
CA VAL B 289 -17.09 6.79 -2.91
C VAL B 289 -18.13 6.74 -1.78
N PRO B 290 -19.43 6.85 -2.12
CA PRO B 290 -20.52 6.80 -1.12
C PRO B 290 -20.73 5.38 -0.56
N LYS B 291 -21.37 5.31 0.61
CA LYS B 291 -21.72 4.04 1.23
C LYS B 291 -22.54 3.13 0.31
N GLN B 292 -23.52 3.67 -0.41
CA GLN B 292 -24.32 2.84 -1.31
C GLN B 292 -23.43 2.11 -2.34
N GLU B 293 -22.44 2.83 -2.86
CA GLU B 293 -21.54 2.24 -3.85
C GLU B 293 -20.51 1.30 -3.20
N ARG B 294 -20.00 1.61 -1.99
CA ARG B 294 -19.13 0.64 -1.27
C ARG B 294 -19.82 -0.69 -0.96
N ASP B 295 -21.09 -0.60 -0.54
CA ASP B 295 -21.91 -1.76 -0.25
C ASP B 295 -22.31 -2.59 -1.50
N ARG B 296 -22.49 -1.95 -2.67
CA ARG B 296 -22.86 -2.62 -3.95
C ARG B 296 -21.70 -3.41 -4.47
N ARG B 297 -20.51 -2.84 -4.33
CA ARG B 297 -19.32 -3.49 -4.85
C ARG B 297 -18.82 -4.58 -3.91
N ILE B 298 -18.34 -5.65 -4.48
CA ILE B 298 -17.99 -6.82 -3.68
C ILE B 298 -16.54 -6.76 -3.25
N SER B 299 -15.69 -6.19 -4.11
CA SER B 299 -14.26 -6.07 -3.84
C SER B 299 -13.80 -4.63 -4.03
N ARG B 300 -12.80 -4.26 -3.26
CA ARG B 300 -12.26 -2.93 -3.27
C ARG B 300 -11.50 -2.63 -4.58
N ILE B 301 -11.17 -3.64 -5.34
CA ILE B 301 -10.61 -3.47 -6.67
C ILE B 301 -11.62 -3.57 -7.80
N ASP B 302 -12.90 -3.85 -7.51
CA ASP B 302 -13.97 -3.72 -8.53
C ASP B 302 -14.10 -2.30 -9.12
N PRO B 303 -14.55 -2.19 -10.37
CA PRO B 303 -14.89 -0.85 -10.92
C PRO B 303 -15.80 -0.05 -9.96
N ILE B 304 -15.67 1.28 -10.01
CA ILE B 304 -16.43 2.17 -9.19
C ILE B 304 -17.27 3.04 -10.11
N ARG B 305 -18.58 3.04 -9.91
CA ARG B 305 -19.47 3.98 -10.63
C ARG B 305 -19.15 5.48 -10.35
N SER B 306 -19.06 6.28 -11.41
CA SER B 306 -18.83 7.72 -11.25
C SER B 306 -19.95 8.51 -11.92
N PRO B 307 -20.63 9.35 -11.12
CA PRO B 307 -21.68 10.15 -11.70
C PRO B 307 -21.30 10.95 -12.93
N THR B 308 -20.08 11.48 -12.99
CA THR B 308 -19.62 12.14 -14.17
C THR B 308 -18.18 11.76 -14.39
N MET B 309 -17.72 11.99 -15.63
CA MET B 309 -16.35 11.68 -15.97
C MET B 309 -15.43 12.60 -15.23
N ALA B 310 -14.32 12.05 -14.73
CA ALA B 310 -13.36 12.83 -13.91
C ALA B 310 -12.02 13.08 -14.62
N GLY B 311 -12.05 13.20 -15.93
CA GLY B 311 -10.85 13.34 -16.75
C GLY B 311 -11.21 12.96 -18.19
N GLY B 312 -10.24 13.00 -19.07
CA GLY B 312 -10.48 12.82 -20.48
C GLY B 312 -10.09 11.45 -21.02
N LEU B 313 -9.66 10.54 -20.13
CA LEU B 313 -9.12 9.23 -20.50
C LEU B 313 -10.19 8.19 -20.20
N PHE B 314 -10.60 7.45 -21.25
CA PHE B 314 -11.61 6.39 -21.09
C PHE B 314 -11.59 5.37 -22.24
N ALA B 315 -12.14 4.19 -21.95
CA ALA B 315 -12.32 3.12 -22.89
C ALA B 315 -13.81 2.88 -23.02
N VAL B 316 -14.23 2.68 -24.28
CA VAL B 316 -15.63 2.41 -24.60
C VAL B 316 -15.66 1.46 -25.78
N SER B 317 -16.60 0.50 -25.79
CA SER B 317 -16.86 -0.29 -26.98
C SER B 317 -17.17 0.63 -28.21
N LYS B 318 -16.50 0.36 -29.30
CA LYS B 318 -16.62 1.23 -30.48
C LYS B 318 -18.05 1.28 -30.97
N LYS B 319 -18.66 0.11 -31.19
CA LYS B 319 -20.07 0.02 -31.56
C LYS B 319 -20.99 0.75 -30.57
N TYR B 320 -20.68 0.64 -29.29
CA TYR B 320 -21.52 1.28 -28.24
C TYR B 320 -21.34 2.82 -28.30
N PHE B 321 -20.08 3.30 -28.39
CA PHE B 321 -19.83 4.72 -28.66
C PHE B 321 -20.59 5.26 -29.90
N GLN B 322 -20.52 4.54 -31.02
CA GLN B 322 -21.24 4.91 -32.25
C GLN B 322 -22.71 4.94 -31.99
N TYR B 323 -23.22 3.93 -31.31
CA TYR B 323 -24.69 3.90 -30.98
C TYR B 323 -25.16 5.13 -30.15
N LEU B 324 -24.37 5.49 -29.15
CA LEU B 324 -24.69 6.68 -28.36
C LEU B 324 -24.54 8.03 -29.07
N GLY B 325 -23.98 8.04 -30.27
CA GLY B 325 -23.72 9.26 -31.02
C GLY B 325 -22.35 9.88 -30.76
N THR B 326 -21.43 9.12 -30.19
CA THR B 326 -20.05 9.54 -29.89
C THR B 326 -20.02 10.77 -28.92
N TYR B 327 -19.32 11.86 -29.27
CA TYR B 327 -19.48 13.10 -28.51
C TYR B 327 -20.58 13.94 -29.16
N ASP B 328 -21.01 15.00 -28.47
CA ASP B 328 -21.91 15.99 -29.05
C ASP B 328 -21.18 16.92 -30.05
N THR B 329 -21.36 16.61 -31.33
CA THR B 329 -20.90 17.40 -32.49
C THR B 329 -21.48 18.81 -32.62
N GLY B 330 -22.68 19.02 -32.08
CA GLY B 330 -23.29 20.35 -32.12
C GLY B 330 -22.63 21.34 -31.20
N MET B 331 -21.71 20.87 -30.35
CA MET B 331 -20.93 21.75 -29.49
C MET B 331 -20.05 22.55 -30.40
N GLU B 332 -20.10 23.87 -30.29
CA GLU B 332 -19.33 24.75 -31.15
C GLU B 332 -18.00 25.03 -30.48
N VAL B 333 -18.09 25.52 -29.23
CA VAL B 333 -16.93 25.77 -28.39
C VAL B 333 -16.20 24.46 -27.99
N TRP B 334 -14.91 24.60 -27.69
CA TRP B 334 -14.11 23.49 -27.20
C TRP B 334 -14.05 23.48 -25.69
N GLY B 335 -13.99 22.28 -25.13
CA GLY B 335 -13.91 22.10 -23.66
C GLY B 335 -15.23 21.79 -22.99
N GLY B 336 -15.14 21.06 -21.89
CA GLY B 336 -16.28 20.74 -21.07
C GLY B 336 -17.28 19.77 -21.68
N GLU B 337 -16.85 19.10 -22.77
CA GLU B 337 -17.73 18.19 -23.49
C GLU B 337 -18.15 16.98 -22.66
N ASN B 338 -17.36 16.59 -21.65
CA ASN B 338 -17.62 15.38 -20.87
C ASN B 338 -18.79 15.41 -19.92
N LEU B 339 -19.30 16.59 -19.58
CA LEU B 339 -20.50 16.66 -18.79
C LEU B 339 -21.67 16.10 -19.59
N GLU B 340 -21.91 16.66 -20.77
CA GLU B 340 -22.93 16.15 -21.69
C GLU B 340 -22.76 14.64 -21.92
N LEU B 341 -21.55 14.22 -22.20
CA LEU B 341 -21.29 12.74 -22.38
C LEU B 341 -21.65 11.89 -21.16
N SER B 342 -21.31 12.34 -19.97
CA SER B 342 -21.64 11.65 -18.72
C SER B 342 -23.16 11.41 -18.55
N PHE B 343 -23.93 12.50 -18.66
CA PHE B 343 -25.39 12.42 -18.53
C PHE B 343 -26.00 11.47 -19.58
N ARG B 344 -25.49 11.58 -20.79
CA ARG B 344 -25.96 10.80 -21.87
C ARG B 344 -25.72 9.30 -21.66
N VAL B 345 -24.52 8.93 -21.23
CA VAL B 345 -24.16 7.52 -20.96
C VAL B 345 -25.11 6.90 -19.89
N TRP B 346 -25.33 7.62 -18.81
CA TRP B 346 -26.05 7.10 -17.69
C TRP B 346 -27.53 7.12 -18.01
N GLN B 347 -28.05 8.24 -18.48
CA GLN B 347 -29.46 8.28 -18.81
C GLN B 347 -29.80 7.35 -19.94
N CYS B 348 -28.88 7.09 -20.86
CA CYS B 348 -29.22 6.27 -22.01
C CYS B 348 -28.91 4.81 -21.84
N GLY B 349 -28.69 4.36 -20.59
CA GLY B 349 -28.56 2.93 -20.29
C GLY B 349 -27.20 2.30 -20.02
N GLY B 350 -26.15 3.12 -20.07
CA GLY B 350 -24.77 2.77 -19.87
C GLY B 350 -24.31 2.95 -18.42
N LYS B 351 -23.05 2.61 -18.16
CA LYS B 351 -22.42 2.87 -16.88
C LYS B 351 -21.12 3.63 -17.19
N LEU B 352 -20.76 4.55 -16.31
CA LEU B 352 -19.47 5.20 -16.31
C LEU B 352 -18.72 4.80 -15.02
N GLU B 353 -17.54 4.24 -15.19
CA GLU B 353 -16.78 3.67 -14.11
C GLU B 353 -15.33 4.11 -14.10
N ILE B 354 -14.78 4.16 -12.88
CA ILE B 354 -13.36 4.26 -12.68
C ILE B 354 -12.79 2.93 -12.17
N HIS B 355 -11.75 2.44 -12.79
CA HIS B 355 -11.22 1.15 -12.41
C HIS B 355 -9.97 1.25 -11.60
N PRO B 356 -10.00 0.83 -10.33
CA PRO B 356 -8.81 0.99 -9.43
C PRO B 356 -7.48 0.32 -9.84
N CYS B 357 -7.57 -0.75 -10.59
CA CYS B 357 -6.40 -1.47 -11.14
C CYS B 357 -5.90 -0.93 -12.49
N SER B 358 -6.49 0.14 -13.02
CA SER B 358 -6.01 0.82 -14.25
C SER B 358 -5.53 2.22 -13.91
N HIS B 359 -4.20 2.41 -14.01
CA HIS B 359 -3.57 3.70 -13.67
C HIS B 359 -2.85 4.28 -14.84
N VAL B 360 -3.24 5.47 -15.23
CA VAL B 360 -2.50 6.19 -16.29
C VAL B 360 -2.07 7.55 -15.72
N GLY B 361 -0.76 7.88 -15.83
CA GLY B 361 -0.28 9.18 -15.40
C GLY B 361 -0.42 10.20 -16.52
N HIS B 362 -0.70 11.45 -16.14
CA HIS B 362 -0.96 12.53 -17.06
C HIS B 362 -0.15 13.71 -16.60
N VAL B 363 0.61 14.33 -17.49
CA VAL B 363 1.35 15.52 -17.14
C VAL B 363 0.40 16.74 -17.13
N PHE B 364 -0.04 17.17 -15.97
CA PHE B 364 -0.87 18.35 -15.85
C PHE B 364 0.00 19.58 -16.08
N PRO B 365 -0.27 20.33 -17.15
CA PRO B 365 0.59 21.49 -17.42
C PRO B 365 0.60 22.56 -16.29
N LYS B 366 1.64 23.39 -16.24
CA LYS B 366 1.67 24.56 -15.33
C LYS B 366 0.47 25.45 -15.65
N ARG B 367 -0.28 25.91 -14.67
CA ARG B 367 -1.52 26.67 -15.01
C ARG B 367 -1.35 28.19 -15.06
N ASN B 374 -15.13 29.73 -19.69
CA ASN B 374 -14.45 29.52 -20.98
C ASN B 374 -15.23 28.53 -21.88
N PHE B 375 -15.91 27.56 -21.27
CA PHE B 375 -16.78 26.63 -22.02
C PHE B 375 -18.19 26.55 -21.43
N LEU B 376 -18.64 27.63 -20.77
CA LEU B 376 -19.96 27.66 -20.14
C LEU B 376 -21.09 27.35 -21.11
N GLN B 377 -20.90 27.66 -22.39
CA GLN B 377 -21.85 27.29 -23.46
C GLN B 377 -22.09 25.80 -23.53
N ASN B 378 -21.00 25.03 -23.41
CA ASN B 378 -21.06 23.56 -23.43
C ASN B 378 -21.73 23.02 -22.17
N THR B 379 -21.45 23.64 -21.03
CA THR B 379 -22.04 23.27 -19.75
C THR B 379 -23.56 23.50 -19.78
N ALA B 380 -23.96 24.67 -20.25
CA ALA B 380 -25.38 24.98 -20.47
C ALA B 380 -26.02 24.05 -21.50
N ARG B 381 -25.31 23.71 -22.56
CA ARG B 381 -25.84 22.77 -23.53
C ARG B 381 -26.20 21.42 -22.86
N ALA B 382 -25.32 20.90 -22.01
CA ALA B 382 -25.59 19.65 -21.26
C ALA B 382 -26.87 19.74 -20.43
N ALA B 383 -27.06 20.88 -19.78
CA ALA B 383 -28.24 21.13 -18.97
C ALA B 383 -29.54 21.17 -19.78
N GLU B 384 -29.48 21.82 -20.94
CA GLU B 384 -30.67 21.97 -21.80
C GLU B 384 -31.07 20.62 -22.39
N VAL B 385 -30.09 19.81 -22.77
CA VAL B 385 -30.39 18.56 -23.39
C VAL B 385 -30.90 17.52 -22.35
N TRP B 386 -30.30 17.51 -21.17
CA TRP B 386 -30.42 16.36 -20.22
C TRP B 386 -31.13 16.58 -18.90
N MET B 387 -31.16 17.84 -18.44
CA MET B 387 -31.49 18.08 -17.04
C MET B 387 -32.96 18.37 -16.78
N ASP B 388 -33.78 18.42 -17.85
CA ASP B 388 -35.24 18.53 -17.71
C ASP B 388 -35.57 19.69 -16.77
N GLU B 389 -36.41 19.44 -15.76
CA GLU B 389 -36.90 20.47 -14.86
C GLU B 389 -35.87 20.84 -13.77
N TYR B 390 -34.66 20.28 -13.81
CA TYR B 390 -33.62 20.59 -12.82
C TYR B 390 -32.62 21.60 -13.32
N LYS B 391 -32.70 21.96 -14.61
CA LYS B 391 -31.81 22.96 -15.19
C LYS B 391 -31.97 24.31 -14.51
N GLU B 392 -33.18 24.64 -14.05
CA GLU B 392 -33.42 25.95 -13.43
CA GLU B 392 -33.39 25.96 -13.47
C GLU B 392 -32.65 26.07 -12.12
N HIS B 393 -32.45 24.95 -11.40
CA HIS B 393 -31.62 25.02 -10.18
C HIS B 393 -30.19 25.47 -10.48
N PHE B 394 -29.72 25.06 -11.65
CA PHE B 394 -28.41 25.45 -12.14
C PHE B 394 -28.39 26.91 -12.57
N TYR B 395 -29.34 27.31 -13.41
CA TYR B 395 -29.39 28.69 -13.86
C TYR B 395 -29.54 29.69 -12.69
N ASN B 396 -30.37 29.36 -11.72
CA ASN B 396 -30.53 30.20 -10.50
C ASN B 396 -29.20 30.46 -9.77
N ARG B 397 -28.29 29.49 -9.82
CA ARG B 397 -27.02 29.53 -9.08
C ARG B 397 -25.80 29.92 -9.91
N ASN B 398 -25.92 29.85 -11.23
CA ASN B 398 -24.88 30.32 -12.15
C ASN B 398 -25.61 31.20 -13.19
N PRO B 399 -26.04 32.41 -12.77
CA PRO B 399 -26.83 33.25 -13.69
C PRO B 399 -26.18 33.60 -15.04
N PRO B 400 -24.86 33.83 -15.09
CA PRO B 400 -24.29 34.12 -16.42
C PRO B 400 -24.57 33.07 -17.48
N ALA B 401 -24.74 31.80 -17.07
CA ALA B 401 -25.10 30.68 -17.98
C ALA B 401 -26.37 30.94 -18.82
N ARG B 402 -27.33 31.69 -18.28
CA ARG B 402 -28.53 32.09 -19.04
C ARG B 402 -28.24 32.88 -20.32
N LYS B 403 -27.09 33.54 -20.35
CA LYS B 403 -26.68 34.40 -21.48
C LYS B 403 -25.84 33.67 -22.55
N GLU B 404 -25.51 32.40 -22.31
CA GLU B 404 -24.57 31.69 -23.19
C GLU B 404 -25.28 31.05 -24.38
N ALA B 405 -24.62 31.06 -25.53
CA ALA B 405 -25.18 30.49 -26.76
C ALA B 405 -24.84 29.00 -26.83
N TYR B 406 -25.76 28.18 -26.34
CA TYR B 406 -25.55 26.71 -26.29
C TYR B 406 -25.84 25.99 -27.62
N GLY B 407 -26.48 26.71 -28.56
CA GLY B 407 -26.68 26.22 -29.93
C GLY B 407 -27.98 25.48 -30.17
N ASP B 408 -28.11 24.90 -31.35
CA ASP B 408 -29.33 24.21 -31.76
C ASP B 408 -29.25 22.81 -31.16
N ILE B 409 -30.27 22.44 -30.40
CA ILE B 409 -30.28 21.13 -29.73
C ILE B 409 -31.43 20.26 -30.25
N SER B 410 -31.91 20.55 -31.46
CA SER B 410 -33.07 19.83 -32.03
C SER B 410 -32.72 18.35 -32.31
N GLU B 411 -31.55 18.12 -32.89
CA GLU B 411 -31.08 16.73 -33.20
C GLU B 411 -30.74 15.92 -31.92
N ARG B 412 -30.31 16.61 -30.87
CA ARG B 412 -29.98 16.00 -29.58
C ARG B 412 -31.21 15.52 -28.85
N LYS B 413 -32.26 16.32 -28.85
CA LYS B 413 -33.56 15.90 -28.33
C LYS B 413 -34.05 14.65 -29.07
N LEU B 414 -33.90 14.62 -30.40
CA LEU B 414 -34.36 13.48 -31.19
C LEU B 414 -33.55 12.24 -30.83
N LEU B 415 -32.25 12.41 -30.65
CA LEU B 415 -31.33 11.34 -30.27
C LEU B 415 -31.72 10.77 -28.92
N ARG B 416 -31.96 11.65 -27.96
CA ARG B 416 -32.43 11.25 -26.65
C ARG B 416 -33.72 10.41 -26.73
N GLU B 417 -34.65 10.83 -27.58
CA GLU B 417 -35.91 10.13 -27.76
C GLU B 417 -35.70 8.76 -28.43
N ARG B 418 -34.94 8.74 -29.52
CA ARG B 418 -34.54 7.50 -30.19
C ARG B 418 -33.87 6.49 -29.27
N LEU B 419 -32.98 6.97 -28.42
CA LEU B 419 -32.25 6.09 -27.51
C LEU B 419 -33.08 5.62 -26.28
N ARG B 420 -34.30 6.17 -26.17
CA ARG B 420 -35.21 5.95 -25.04
C ARG B 420 -34.49 6.22 -23.72
N CYS B 421 -33.78 7.35 -23.65
CA CYS B 421 -33.02 7.65 -22.43
C CYS B 421 -33.97 7.97 -21.28
N LYS B 422 -33.56 7.67 -20.05
CA LYS B 422 -34.35 7.99 -18.86
C LYS B 422 -34.21 9.47 -18.43
N SER B 423 -35.00 9.87 -17.43
CA SER B 423 -35.13 11.26 -17.00
CA SER B 423 -35.13 11.26 -17.02
C SER B 423 -33.96 11.69 -16.15
N PHE B 424 -33.83 12.99 -15.93
CA PHE B 424 -32.78 13.48 -15.04
C PHE B 424 -33.16 13.16 -13.61
N ASP B 425 -34.47 13.09 -13.33
CA ASP B 425 -34.97 12.66 -12.04
C ASP B 425 -34.43 11.23 -11.72
N TRP B 426 -34.59 10.33 -12.68
CA TRP B 426 -34.00 9.01 -12.64
C TRP B 426 -32.49 9.11 -12.38
N TYR B 427 -31.78 9.93 -13.15
CA TYR B 427 -30.31 10.10 -12.94
C TYR B 427 -29.97 10.42 -11.47
N LEU B 428 -30.61 11.46 -10.94
CA LEU B 428 -30.33 11.91 -9.60
C LEU B 428 -30.62 10.82 -8.57
N LYS B 429 -31.75 10.12 -8.71
CA LYS B 429 -32.11 9.11 -7.71
C LYS B 429 -31.24 7.85 -7.78
N ASN B 430 -30.82 7.47 -8.99
CA ASN B 430 -30.12 6.20 -9.21
C ASN B 430 -28.58 6.29 -9.38
N VAL B 431 -28.09 7.44 -9.86
CA VAL B 431 -26.65 7.63 -10.14
C VAL B 431 -25.94 8.50 -9.10
N PHE B 432 -26.63 9.57 -8.63
CA PHE B 432 -26.06 10.52 -7.70
C PHE B 432 -27.02 10.86 -6.56
N PRO B 433 -27.45 9.82 -5.80
CA PRO B 433 -28.51 10.05 -4.80
C PRO B 433 -28.16 10.91 -3.59
N ASN B 434 -26.88 11.13 -3.30
CA ASN B 434 -26.49 11.84 -2.13
C ASN B 434 -26.28 13.33 -2.44
N LEU B 435 -26.47 13.76 -3.70
CA LEU B 435 -26.45 15.20 -4.09
C LEU B 435 -27.79 15.75 -3.60
N HIS B 436 -27.71 16.71 -2.68
CA HIS B 436 -28.88 17.44 -2.26
C HIS B 436 -29.45 18.25 -3.43
N VAL B 437 -30.73 18.08 -3.70
CA VAL B 437 -31.42 18.77 -4.75
C VAL B 437 -32.26 19.93 -4.17
N PRO B 438 -31.90 21.19 -4.50
CA PRO B 438 -32.71 22.33 -4.05
C PRO B 438 -34.17 22.25 -4.52
N GLU B 439 -35.07 22.89 -3.78
CA GLU B 439 -36.48 22.99 -4.20
C GLU B 439 -36.74 24.22 -5.09
N ASP B 440 -36.18 25.36 -4.69
CA ASP B 440 -36.48 26.67 -5.32
C ASP B 440 -37.99 26.86 -5.56
N ARG B 441 -38.77 26.73 -4.49
CA ARG B 441 -40.21 26.85 -4.58
C ARG B 441 -40.61 28.22 -5.11
N PRO B 442 -41.66 28.31 -5.96
CA PRO B 442 -42.08 29.64 -6.43
C PRO B 442 -42.39 30.62 -5.28
N GLY B 443 -41.78 31.80 -5.34
CA GLY B 443 -42.00 32.84 -4.36
C GLY B 443 -41.08 32.73 -3.17
N TRP B 444 -40.25 31.68 -3.10
CA TRP B 444 -39.38 31.44 -1.95
C TRP B 444 -37.87 31.30 -2.31
N HIS B 445 -37.47 31.90 -3.42
CA HIS B 445 -36.04 31.94 -3.74
C HIS B 445 -35.72 33.16 -4.57
N GLY B 446 -34.50 33.63 -4.40
CA GLY B 446 -33.96 34.76 -5.11
C GLY B 446 -33.36 35.69 -4.06
N ALA B 447 -33.57 36.99 -4.24
CA ALA B 447 -33.06 38.00 -3.34
C ALA B 447 -34.11 38.31 -2.31
N ILE B 448 -33.65 38.70 -1.13
CA ILE B 448 -34.53 39.09 -0.04
C ILE B 448 -34.33 40.59 0.24
N ARG B 449 -35.31 41.41 -0.15
CA ARG B 449 -35.24 42.87 -0.05
C ARG B 449 -35.81 43.40 1.26
N SER B 450 -35.12 44.38 1.86
CA SER B 450 -35.54 45.06 3.08
C SER B 450 -36.63 46.05 2.75
N ARG B 451 -37.72 46.04 3.51
CA ARG B 451 -38.69 47.15 3.42
C ARG B 451 -38.12 48.42 4.08
N GLY B 452 -37.40 48.25 5.19
CA GLY B 452 -36.88 49.37 6.00
C GLY B 452 -35.77 50.19 5.33
N ILE B 453 -34.84 49.50 4.68
CA ILE B 453 -33.85 50.15 3.81
C ILE B 453 -34.05 49.59 2.38
N SER B 454 -34.85 50.30 1.60
CA SER B 454 -35.46 49.79 0.36
C SER B 454 -34.50 49.52 -0.80
N SER B 455 -33.28 50.07 -0.71
CA SER B 455 -32.21 49.80 -1.68
C SER B 455 -31.43 48.50 -1.41
N GLU B 456 -31.60 47.93 -0.22
CA GLU B 456 -30.71 46.88 0.29
C GLU B 456 -31.33 45.49 0.27
N CYS B 457 -30.48 44.50 0.03
CA CYS B 457 -30.86 43.09 -0.01
C CYS B 457 -29.94 42.35 0.94
N LEU B 458 -30.46 41.28 1.54
CA LEU B 458 -29.63 40.34 2.31
C LEU B 458 -28.47 39.84 1.46
N ASP B 459 -27.30 39.74 2.09
CA ASP B 459 -26.03 39.61 1.38
C ASP B 459 -25.03 38.90 2.29
N TYR B 460 -24.50 37.76 1.82
CA TYR B 460 -23.50 36.99 2.56
C TYR B 460 -22.19 36.90 1.74
N ASN B 461 -21.16 37.59 2.23
CA ASN B 461 -19.86 37.71 1.53
C ASN B 461 -18.68 37.16 2.34
N SER B 462 -18.45 35.86 2.16
CA SER B 462 -17.44 35.14 2.92
C SER B 462 -16.13 35.18 2.14
N PRO B 463 -14.97 35.12 2.84
CA PRO B 463 -13.66 35.08 2.22
C PRO B 463 -13.52 34.15 1.02
N ASP B 464 -14.19 32.99 1.06
CA ASP B 464 -14.13 31.99 -0.01
C ASP B 464 -12.73 31.38 -0.18
N ASN B 465 -12.07 31.17 0.96
CA ASN B 465 -11.29 29.98 1.32
C ASN B 465 -11.73 29.60 2.77
N ASN B 466 -12.91 30.11 3.11
CA ASN B 466 -13.51 30.05 4.44
C ASN B 466 -14.98 30.47 4.20
N PRO B 467 -15.75 29.60 3.51
CA PRO B 467 -17.12 29.92 3.13
C PRO B 467 -18.06 30.28 4.28
N THR B 468 -17.69 29.92 5.51
CA THR B 468 -18.50 30.11 6.73
C THR B 468 -18.01 31.29 7.63
N GLY B 469 -17.11 32.12 7.10
CA GLY B 469 -16.33 33.06 7.90
C GLY B 469 -17.08 34.31 8.36
N ALA B 470 -17.94 34.83 7.50
CA ALA B 470 -18.60 36.12 7.72
C ALA B 470 -19.99 36.01 8.35
N ASN B 471 -20.57 37.18 8.63
CA ASN B 471 -21.94 37.32 9.09
C ASN B 471 -22.83 37.76 7.95
N LEU B 472 -24.09 37.37 8.02
CA LEU B 472 -25.09 37.90 7.09
C LEU B 472 -25.18 39.43 7.27
N SER B 473 -25.30 40.15 6.15
CA SER B 473 -25.38 41.61 6.14
C SER B 473 -26.31 42.15 5.05
N LEU B 474 -26.17 43.44 4.71
CA LEU B 474 -26.93 44.11 3.67
C LEU B 474 -26.00 44.77 2.65
N PHE B 475 -26.48 44.86 1.41
CA PHE B 475 -25.72 45.44 0.31
C PHE B 475 -26.75 45.80 -0.78
N GLY B 476 -26.39 46.72 -1.66
CA GLY B 476 -27.31 47.20 -2.67
C GLY B 476 -27.82 46.07 -3.53
N CYS B 477 -29.14 46.01 -3.69
CA CYS B 477 -29.78 45.00 -4.53
C CYS B 477 -29.28 45.15 -5.97
N HIS B 478 -28.67 44.08 -6.50
CA HIS B 478 -28.11 44.09 -7.86
C HIS B 478 -28.76 43.12 -8.85
N GLY B 479 -29.58 42.18 -8.36
CA GLY B 479 -30.30 41.25 -9.22
C GLY B 479 -29.47 40.16 -9.90
N GLN B 480 -28.23 39.98 -9.45
CA GLN B 480 -27.29 39.02 -10.10
C GLN B 480 -27.09 37.70 -9.33
N GLY B 481 -27.93 37.39 -8.35
CA GLY B 481 -27.77 36.22 -7.50
C GLY B 481 -26.46 36.22 -6.71
N GLY B 482 -25.72 35.11 -6.79
CA GLY B 482 -24.50 34.93 -6.03
C GLY B 482 -24.66 35.26 -4.53
N ASN B 483 -23.94 36.27 -4.06
CA ASN B 483 -23.98 36.66 -2.65
C ASN B 483 -25.34 37.17 -2.15
N GLN B 484 -26.27 37.41 -3.07
CA GLN B 484 -27.63 37.80 -2.74
C GLN B 484 -28.67 36.74 -3.08
N PHE B 485 -28.26 35.51 -3.42
CA PHE B 485 -29.20 34.43 -3.71
C PHE B 485 -29.45 33.53 -2.52
N PHE B 486 -30.72 33.37 -2.19
CA PHE B 486 -31.15 32.52 -1.09
C PHE B 486 -32.33 31.66 -1.48
N GLU B 487 -32.53 30.60 -0.67
CA GLU B 487 -33.61 29.65 -0.85
C GLU B 487 -34.21 29.38 0.52
N TYR B 488 -35.52 29.67 0.66
CA TYR B 488 -36.27 29.27 1.86
C TYR B 488 -36.90 27.92 1.61
N THR B 489 -36.61 26.99 2.49
CA THR B 489 -36.85 25.58 2.27
C THR B 489 -38.18 25.14 2.95
N SER B 490 -38.76 24.03 2.50
CA SER B 490 -39.91 23.41 3.16
C SER B 490 -39.61 22.95 4.60
N ASN B 491 -38.39 22.52 4.86
CA ASN B 491 -37.85 22.34 6.23
C ASN B 491 -37.50 23.63 6.96
N LYS B 492 -37.81 24.77 6.35
CA LYS B 492 -37.78 26.08 7.01
C LYS B 492 -36.39 26.56 7.30
N GLU B 493 -35.46 26.20 6.41
CA GLU B 493 -34.09 26.68 6.45
C GLU B 493 -33.98 27.82 5.47
N ILE B 494 -33.08 28.76 5.75
CA ILE B 494 -32.72 29.75 4.73
C ILE B 494 -31.38 29.32 4.19
N ARG B 495 -31.36 28.80 2.97
CA ARG B 495 -30.11 28.28 2.42
C ARG B 495 -29.41 29.31 1.59
N PHE B 496 -28.11 29.41 1.79
CA PHE B 496 -27.25 30.20 0.89
C PHE B 496 -26.44 29.15 0.11
N ASN B 497 -27.02 28.70 -1.02
CA ASN B 497 -26.53 27.48 -1.66
C ASN B 497 -26.28 27.57 -3.14
N SER B 498 -25.75 28.70 -3.59
CA SER B 498 -25.24 28.80 -4.95
C SER B 498 -23.95 28.00 -5.10
N VAL B 499 -23.17 27.85 -4.04
CA VAL B 499 -21.91 27.10 -4.10
C VAL B 499 -21.98 25.73 -3.37
N THR B 500 -22.17 25.76 -2.05
CA THR B 500 -22.41 24.53 -1.26
C THR B 500 -23.66 24.69 -0.40
N GLU B 501 -24.07 23.59 0.24
CA GLU B 501 -25.29 23.60 1.06
C GLU B 501 -25.03 24.24 2.45
N LEU B 502 -25.13 25.59 2.47
CA LEU B 502 -24.98 26.41 3.68
C LEU B 502 -26.34 26.91 4.15
N CYS B 503 -26.50 26.92 5.47
CA CYS B 503 -27.78 27.18 6.15
C CYS B 503 -27.60 28.33 7.14
N ALA B 504 -28.49 29.32 7.06
CA ALA B 504 -28.48 30.47 7.96
C ALA B 504 -28.73 30.04 9.39
N GLU B 505 -27.85 30.47 10.30
CA GLU B 505 -27.91 30.07 11.70
C GLU B 505 -27.64 31.25 12.65
N VAL B 506 -28.36 31.29 13.77
CA VAL B 506 -28.06 32.21 14.87
C VAL B 506 -27.41 31.36 15.97
N PRO B 507 -26.12 31.64 16.31
CA PRO B 507 -25.50 30.83 17.39
C PRO B 507 -26.19 31.07 18.74
N GLU B 508 -25.98 30.15 19.66
CA GLU B 508 -26.75 30.12 20.92
CA GLU B 508 -26.75 30.12 20.92
C GLU B 508 -26.50 31.41 21.74
N GLN B 509 -27.59 32.08 22.11
CA GLN B 509 -27.58 33.35 22.89
C GLN B 509 -27.13 34.61 22.16
N LYS B 510 -26.87 34.51 20.86
CA LYS B 510 -26.33 35.64 20.08
C LYS B 510 -27.43 36.35 19.30
N ASN B 511 -27.08 37.47 18.66
CA ASN B 511 -28.05 38.24 17.88
C ASN B 511 -27.57 38.59 16.48
N TYR B 512 -26.67 37.77 15.93
CA TYR B 512 -26.18 37.92 14.55
C TYR B 512 -26.39 36.62 13.81
N VAL B 513 -26.28 36.65 12.49
CA VAL B 513 -26.54 35.48 11.65
C VAL B 513 -25.29 35.07 10.90
N GLY B 514 -24.92 33.81 11.08
CA GLY B 514 -23.83 33.19 10.35
C GLY B 514 -24.32 32.11 9.41
N MET B 515 -23.39 31.34 8.90
CA MET B 515 -23.70 30.18 8.06
C MET B 515 -23.00 28.93 8.60
N GLN B 516 -23.63 27.79 8.36
CA GLN B 516 -23.05 26.52 8.72
C GLN B 516 -23.54 25.44 7.76
N ASN B 517 -22.76 24.37 7.61
CA ASN B 517 -23.14 23.28 6.72
C ASN B 517 -24.53 22.82 7.07
N CYS B 518 -25.40 22.70 6.06
CA CYS B 518 -26.76 22.21 6.29
C CYS B 518 -26.73 20.74 6.71
N PRO B 519 -27.76 20.29 7.46
CA PRO B 519 -27.85 18.89 7.78
C PRO B 519 -28.03 18.05 6.53
N LYS B 520 -27.59 16.80 6.61
CA LYS B 520 -27.78 15.89 5.50
C LYS B 520 -29.26 15.55 5.36
N ASP B 521 -29.70 15.30 4.13
CA ASP B 521 -31.09 14.93 3.87
C ASP B 521 -31.60 13.80 4.79
N GLY B 522 -32.79 14.00 5.34
CA GLY B 522 -33.43 13.06 6.25
C GLY B 522 -33.01 13.11 7.72
N PHE B 523 -31.98 13.89 8.07
CA PHE B 523 -31.48 13.96 9.44
C PHE B 523 -32.03 15.19 10.20
N PRO B 524 -31.90 15.25 11.54
CA PRO B 524 -32.47 16.35 12.31
C PRO B 524 -32.05 17.72 11.83
N VAL B 525 -33.01 18.64 11.71
CA VAL B 525 -32.75 20.03 11.39
C VAL B 525 -32.50 20.67 12.74
N PRO B 526 -31.30 21.21 12.98
CA PRO B 526 -31.13 21.88 14.28
C PRO B 526 -32.09 23.05 14.53
N ALA B 527 -32.56 23.17 15.77
CA ALA B 527 -33.49 24.22 16.19
C ALA B 527 -33.06 25.62 15.73
N ASN B 528 -31.77 25.93 15.91
CA ASN B 528 -31.23 27.25 15.60
C ASN B 528 -30.98 27.55 14.10
N ILE B 529 -31.41 26.68 13.20
CA ILE B 529 -31.45 27.03 11.76
C ILE B 529 -32.89 27.06 11.20
N ILE B 530 -33.89 27.04 12.07
CA ILE B 530 -35.28 27.15 11.64
C ILE B 530 -35.68 28.65 11.54
N TRP B 531 -36.30 29.01 10.42
CA TRP B 531 -36.83 30.34 10.17
C TRP B 531 -38.28 30.25 9.75
N HIS B 532 -39.10 31.18 10.28
CA HIS B 532 -40.51 31.29 9.88
C HIS B 532 -40.66 32.59 9.12
N PHE B 533 -40.98 32.48 7.83
CA PHE B 533 -41.34 33.66 7.03
C PHE B 533 -42.81 33.97 7.21
N LYS B 534 -43.12 34.85 8.14
CA LYS B 534 -44.52 35.18 8.44
C LYS B 534 -45.23 35.83 7.24
N GLU B 535 -46.56 35.73 7.25
CA GLU B 535 -47.41 36.34 6.20
C GLU B 535 -47.14 37.84 6.03
N ASP B 536 -46.84 38.53 7.15
CA ASP B 536 -46.60 39.99 7.16
C ASP B 536 -45.18 40.45 6.74
N GLY B 537 -44.35 39.54 6.20
CA GLY B 537 -42.99 39.88 5.81
C GLY B 537 -41.93 39.78 6.91
N THR B 538 -42.33 39.36 8.11
CA THR B 538 -41.40 39.15 9.22
C THR B 538 -40.59 37.84 8.99
N ILE B 539 -39.31 37.87 9.32
CA ILE B 539 -38.46 36.68 9.31
C ILE B 539 -38.16 36.41 10.78
N PHE B 540 -38.90 35.46 11.32
CA PHE B 540 -38.86 35.10 12.74
C PHE B 540 -37.94 33.88 12.94
N HIS B 541 -37.12 33.95 13.99
CA HIS B 541 -36.21 32.87 14.38
C HIS B 541 -36.75 32.28 15.70
N PRO B 542 -37.53 31.18 15.61
CA PRO B 542 -38.24 30.76 16.82
C PRO B 542 -37.37 30.30 17.99
N HIS B 543 -36.16 29.83 17.75
CA HIS B 543 -35.31 29.32 18.84
C HIS B 543 -34.75 30.44 19.67
N SER B 544 -34.30 31.50 19.02
CA SER B 544 -33.87 32.70 19.74
C SER B 544 -35.06 33.54 20.18
N GLY B 545 -36.19 33.38 19.50
CA GLY B 545 -37.39 34.19 19.77
C GLY B 545 -37.33 35.60 19.19
N LEU B 546 -36.34 35.85 18.31
CA LEU B 546 -36.05 37.17 17.76
C LEU B 546 -36.42 37.22 16.29
N CYS B 547 -36.38 38.43 15.74
CA CYS B 547 -36.72 38.72 14.34
C CYS B 547 -35.56 39.42 13.64
N LEU B 548 -35.40 39.11 12.36
CA LEU B 548 -34.31 39.68 11.58
C LEU B 548 -34.64 41.12 11.28
N SER B 549 -33.75 42.04 11.59
CA SER B 549 -34.03 43.48 11.42
C SER B 549 -32.89 44.15 10.71
N ALA B 550 -33.22 45.01 9.74
CA ALA B 550 -32.28 45.96 9.17
C ALA B 550 -31.98 47.02 10.23
N TYR B 551 -30.77 47.56 10.20
CA TYR B 551 -30.39 48.72 11.01
C TYR B 551 -29.17 49.37 10.34
N ARG B 552 -28.73 50.52 10.85
CA ARG B 552 -27.51 51.19 10.35
CA ARG B 552 -27.49 51.13 10.34
C ARG B 552 -26.44 51.10 11.45
N THR B 553 -25.19 50.86 11.07
CA THR B 553 -24.08 50.81 12.04
C THR B 553 -23.89 52.23 12.59
N PRO B 554 -23.17 52.38 13.72
CA PRO B 554 -22.76 53.76 14.10
C PRO B 554 -22.10 54.56 12.96
N GLU B 555 -21.35 53.88 12.09
CA GLU B 555 -20.71 54.50 10.93
C GLU B 555 -21.64 54.74 9.74
N GLY B 556 -22.90 54.28 9.80
CA GLY B 556 -23.89 54.51 8.75
C GLY B 556 -24.08 53.40 7.73
N ARG B 557 -23.30 52.31 7.83
CA ARG B 557 -23.49 51.15 6.95
C ARG B 557 -24.79 50.38 7.21
N PRO B 558 -25.62 50.13 6.17
CA PRO B 558 -26.70 49.17 6.38
C PRO B 558 -26.20 47.79 6.78
N ASP B 559 -26.92 47.15 7.70
CA ASP B 559 -26.51 45.89 8.28
C ASP B 559 -27.77 45.19 8.86
N VAL B 560 -27.64 43.94 9.31
CA VAL B 560 -28.75 43.24 9.97
C VAL B 560 -28.33 42.74 11.33
N GLN B 561 -29.35 42.48 12.15
CA GLN B 561 -29.19 42.02 13.52
C GLN B 561 -30.52 41.38 13.96
N MET B 562 -30.47 40.48 14.92
CA MET B 562 -31.66 39.91 15.50
C MET B 562 -32.12 40.84 16.63
N ARG B 563 -33.40 41.17 16.61
CA ARG B 563 -34.02 42.12 17.54
C ARG B 563 -35.32 41.54 18.09
N THR B 564 -35.81 42.13 19.19
CA THR B 564 -37.09 41.70 19.74
C THR B 564 -38.15 42.09 18.67
N CYS B 565 -39.10 41.18 18.43
CA CYS B 565 -40.01 41.28 17.28
C CYS B 565 -41.03 42.40 17.43
N ASP B 566 -41.33 43.04 16.30
CA ASP B 566 -42.22 44.16 16.27
C ASP B 566 -42.71 44.27 14.84
N ALA B 567 -43.89 43.69 14.59
CA ALA B 567 -44.50 43.68 13.27
C ALA B 567 -44.81 45.07 12.68
N LEU B 568 -44.84 46.10 13.52
CA LEU B 568 -45.03 47.50 13.12
C LEU B 568 -43.73 48.21 12.69
N ASP B 569 -42.59 47.55 12.88
CA ASP B 569 -41.29 48.12 12.51
C ASP B 569 -40.94 47.64 11.10
N LYS B 570 -40.97 48.57 10.15
CA LYS B 570 -40.61 48.28 8.74
C LYS B 570 -39.20 47.69 8.54
N ASN B 571 -38.30 47.90 9.50
CA ASN B 571 -36.97 47.29 9.44
C ASN B 571 -36.97 45.77 9.63
N GLN B 572 -38.07 45.20 10.13
CA GLN B 572 -38.21 43.74 10.24
C GLN B 572 -39.11 43.16 9.15
N ILE B 573 -39.34 43.91 8.07
CA ILE B 573 -40.19 43.46 6.97
C ILE B 573 -39.31 43.23 5.73
N TRP B 574 -39.54 42.11 5.08
CA TRP B 574 -38.68 41.63 4.02
C TRP B 574 -39.50 40.97 2.94
N SER B 575 -38.96 40.92 1.74
CA SER B 575 -39.66 40.33 0.61
C SER B 575 -38.73 39.57 -0.32
N PHE B 576 -39.15 38.37 -0.75
CA PHE B 576 -38.42 37.64 -1.81
C PHE B 576 -38.73 38.31 -3.13
N GLU B 577 -37.71 38.49 -3.96
CA GLU B 577 -37.85 38.90 -5.37
C GLU B 577 -36.90 38.11 -6.28
N LYS B 578 -37.30 37.92 -7.54
CA LYS B 578 -36.52 37.14 -8.51
C LYS B 578 -36.47 37.87 -9.84
N THR C 3 -18.90 40.47 -8.47
CA THR C 3 -18.01 41.51 -7.87
C THR C 3 -16.99 40.90 -6.91
C1 EDO D . 9.85 -13.95 20.51
O1 EDO D . 8.91 -13.78 19.46
C2 EDO D . 10.98 -14.83 20.02
O2 EDO D . 10.82 -16.21 20.44
C1 EDO E . -2.08 2.31 1.50
O1 EDO E . -3.36 2.09 2.11
C2 EDO E . -1.49 0.93 1.33
O2 EDO E . -0.40 0.86 0.42
C1 EDO F . 12.53 -18.62 10.57
O1 EDO F . 11.93 -17.36 10.25
C2 EDO F . 13.33 -19.13 9.37
O2 EDO F . 14.72 -18.80 9.41
C1 EDO G . 6.23 -2.33 30.42
O1 EDO G . 6.35 -2.57 31.81
C2 EDO G . 5.25 -1.22 30.35
O2 EDO G . 5.20 -0.55 29.14
C1 EDO H . -16.33 -16.09 22.76
O1 EDO H . -16.16 -14.66 22.93
C2 EDO H . -15.07 -16.69 22.18
O2 EDO H . -14.61 -17.88 22.84
C1 EDO I . -2.59 -23.34 39.67
O1 EDO I . -3.20 -22.05 39.52
C2 EDO I . -3.51 -24.42 39.10
O2 EDO I . -4.74 -23.80 38.78
C1 EDO J . 23.31 -3.32 44.11
O1 EDO J . 22.42 -2.96 45.17
C2 EDO J . 24.65 -3.72 44.67
O2 EDO J . 25.22 -4.75 43.85
C1 EDO K . 10.28 9.69 0.22
O1 EDO K . 8.97 10.27 0.12
C2 EDO K . 10.65 8.88 -1.01
O2 EDO K . 11.86 8.14 -0.75
C1 EDO L . 23.30 -0.66 31.33
O1 EDO L . 22.15 -1.12 32.06
C2 EDO L . 23.79 -1.75 30.37
O2 EDO L . 23.75 -1.28 29.01
C1 EDO M . -12.93 -20.78 19.10
O1 EDO M . -13.05 -19.96 20.28
C2 EDO M . -14.33 -21.14 18.62
O2 EDO M . -15.19 -21.35 19.75
C1 EDO N . 41.82 -24.39 19.67
O1 EDO N . 41.70 -23.35 20.63
C2 EDO N . 41.59 -23.87 18.25
O2 EDO N . 42.84 -23.59 17.60
C1 EDO O . 7.76 -17.84 18.65
O1 EDO O . 6.71 -16.94 18.32
C2 EDO O . 9.06 -17.30 18.09
O2 EDO O . 9.04 -17.39 16.67
C1 EDO P . 0.98 11.84 26.86
O1 EDO P . -0.11 10.93 27.00
C2 EDO P . 2.04 11.24 25.94
O2 EDO P . 1.43 10.47 24.89
C1 EDO Q . 27.74 -9.66 48.95
O1 EDO Q . 26.35 -9.28 49.06
C2 EDO Q . 28.18 -9.64 47.49
O2 EDO Q . 28.40 -8.29 47.06
C1 EDO R . 19.31 -15.13 33.89
O1 EDO R . 20.13 -14.14 34.52
C2 EDO R . 20.18 -16.11 33.11
O2 EDO R . 20.81 -17.02 34.02
C1 EDO S . 10.99 -26.56 -9.18
O1 EDO S . 10.61 -26.34 -10.55
C2 EDO S . 10.78 -28.02 -8.81
O2 EDO S . 9.40 -28.23 -8.46
C1 EDO T . 6.28 -19.28 -9.63
O1 EDO T . 7.64 -19.14 -10.06
C2 EDO T . 5.75 -20.69 -9.89
O2 EDO T . 4.34 -20.73 -9.57
C1 EDO U . 47.52 -35.99 14.20
O1 EDO U . 47.78 -36.79 13.03
C2 EDO U . 46.12 -35.38 14.13
O2 EDO U . 45.72 -35.17 12.77
C1 EDO V . 47.91 -31.56 15.48
O1 EDO V . 46.90 -30.68 14.97
C2 EDO V . 49.09 -31.57 14.52
O2 EDO V . 48.98 -32.69 13.63
C1 EDO W . 51.47 -29.57 19.31
O1 EDO W . 50.10 -29.17 19.44
C2 EDO W . 51.54 -31.00 18.76
O2 EDO W . 50.69 -31.13 17.61
C1 EDO X . 53.73 -42.25 13.14
O1 EDO X . 54.00 -41.25 14.12
C2 EDO X . 52.33 -42.02 12.57
O2 EDO X . 52.12 -42.88 11.44
C1 EDO Y . 7.71 4.63 5.82
O1 EDO Y . 6.84 5.75 5.63
C2 EDO Y . 8.14 4.19 4.45
O2 EDO Y . 7.05 4.14 3.57
C1 EDO Z . 21.96 -2.62 26.13
O1 EDO Z . 20.97 -1.66 26.50
C2 EDO Z . 23.33 -2.02 25.84
O2 EDO Z . 23.86 -2.52 24.61
C1 EDO AA . 25.49 -7.74 17.26
O1 EDO AA . 26.79 -7.96 16.67
C2 EDO AA . 24.88 -9.08 17.60
O2 EDO AA . 23.64 -8.88 18.29
C1 EDO BA . -3.28 1.13 5.21
O1 EDO BA . -2.12 0.59 4.59
C2 EDO BA . -4.06 -0.03 5.76
O2 EDO BA . -4.90 0.46 6.80
C1 EDO CA . 50.46 -36.05 -8.70
O1 EDO CA . 49.18 -36.67 -8.51
C2 EDO CA . 50.41 -35.04 -9.85
O2 EDO CA . 49.25 -35.28 -10.67
C1 EDO DA . -3.52 -15.65 -10.99
O1 EDO DA . -4.58 -16.24 -10.24
C2 EDO DA . -2.78 -16.62 -11.95
O2 EDO DA . -3.51 -17.83 -12.19
C1 EDO EA . 6.89 -26.35 20.73
O1 EDO EA . 5.71 -27.07 20.32
C2 EDO EA . 8.04 -26.73 19.80
O2 EDO EA . 7.65 -26.53 18.44
C1 EDO FA . 4.92 -17.20 15.64
O1 EDO FA . 4.87 -16.69 14.32
C2 EDO FA . 5.85 -18.41 15.71
O2 EDO FA . 5.47 -19.39 14.74
C1 EDO GA . 0.27 -19.74 23.05
O1 EDO GA . 1.34 -20.30 23.82
C2 EDO GA . -0.95 -20.68 23.05
O2 EDO GA . -0.55 -22.06 22.98
C1 EDO HA . 9.48 9.25 4.33
O1 EDO HA . 10.10 9.99 5.38
C2 EDO HA . 10.05 7.84 4.34
O2 EDO HA . 11.36 7.86 3.77
C1 EDO IA . 40.52 -30.46 -11.56
O1 EDO IA . 40.73 -30.39 -12.98
C2 EDO IA . 40.70 -31.88 -11.08
O2 EDO IA . 39.50 -32.35 -10.47
C1 EDO JA . 11.44 11.98 3.21
O1 EDO JA . 11.21 12.20 4.61
C2 EDO JA . 12.33 10.75 3.04
O2 EDO JA . 13.58 11.15 2.49
C1 EDO KA . 16.27 10.54 9.99
O1 EDO KA . 16.87 11.15 8.84
C2 EDO KA . 15.22 11.44 10.63
O2 EDO KA . 15.76 12.08 11.81
C1 EDO LA . 3.73 -36.20 1.26
O1 EDO LA . 2.47 -35.51 1.25
C2 EDO LA . 4.03 -36.73 2.66
O2 EDO LA . 5.35 -36.34 3.06
C1 EDO MA . 25.52 -4.31 14.64
O1 EDO MA . 24.67 -3.88 15.72
C2 EDO MA . 25.12 -5.71 14.19
O2 EDO MA . 25.36 -5.89 12.79
C1 EDO NA . 25.53 -3.09 20.62
O1 EDO NA . 24.51 -2.89 21.58
C2 EDO NA . 25.08 -3.99 19.50
O2 EDO NA . 24.54 -3.25 18.41
C1 GOL OA . 13.20 10.41 7.18
O1 GOL OA . 12.81 9.26 7.93
C2 GOL OA . 14.62 10.18 6.67
O2 GOL OA . 15.20 11.39 6.14
C3 GOL OA . 14.66 9.14 5.57
O3 GOL OA . 13.70 8.09 5.73
C1 GOL PA . 19.66 2.78 43.98
O1 GOL PA . 21.00 2.27 44.04
C2 GOL PA . 18.79 2.01 44.96
O2 GOL PA . 19.41 2.04 46.24
C3 GOL PA . 17.38 2.59 45.02
O3 GOL PA . 17.09 3.02 46.36
C1 GOL QA . -15.34 -14.69 14.83
O1 GOL QA . -15.31 -15.18 13.48
C2 GOL QA . -16.48 -13.70 15.09
O2 GOL QA . -17.61 -14.40 15.63
C3 GOL QA . -16.91 -12.88 13.86
O3 GOL QA . -15.90 -12.84 12.84
C1 GOL RA . 12.31 -16.13 -12.55
O1 GOL RA . 12.84 -17.17 -11.69
C2 GOL RA . 12.13 -14.83 -11.77
O2 GOL RA . 12.60 -13.73 -12.56
C3 GOL RA . 10.67 -14.56 -11.40
O3 GOL RA . 10.10 -15.67 -10.70
C1 GOL SA . 3.30 15.10 10.88
O1 GOL SA . 2.15 15.65 11.54
C2 GOL SA . 2.84 14.54 9.55
O2 GOL SA . 2.35 15.62 8.74
C3 GOL SA . 3.95 13.80 8.81
O3 GOL SA . 3.40 12.64 8.19
C1 GOL TA . 13.96 15.49 23.08
O1 GOL TA . 13.42 15.99 24.31
C2 GOL TA . 12.95 14.51 22.50
O2 GOL TA . 12.85 14.72 21.10
C3 GOL TA . 13.36 13.07 22.77
O3 GOL TA . 13.07 12.71 24.13
C1 NGA UA . 29.16 -38.98 14.83
C2 NGA UA . 29.16 -38.26 13.53
C3 NGA UA . 30.31 -39.00 12.96
C4 NGA UA . 31.57 -38.81 13.77
C5 NGA UA . 31.30 -39.03 15.25
C6 NGA UA . 32.45 -38.62 16.14
C7 NGA UA . 27.35 -37.73 12.01
C8 NGA UA . 26.25 -38.29 11.19
N2 NGA UA . 27.94 -38.56 12.84
O1 NGA UA . 27.97 -39.76 15.24
O3 NGA UA . 30.51 -38.69 11.62
O4 NGA UA . 32.05 -37.49 13.59
O5 NGA UA . 30.13 -38.34 15.61
O6 NGA UA . 32.16 -38.79 17.52
O7 NGA UA . 27.66 -36.57 11.92
C1 EDO VA . -14.87 -11.39 -11.78
O1 EDO VA . -15.98 -10.56 -11.41
C2 EDO VA . -14.42 -11.01 -13.18
O2 EDO VA . -13.52 -9.89 -13.16
C1 EDO WA . -12.47 16.36 -23.15
O1 EDO WA . -12.83 16.36 -24.53
C2 EDO WA . -12.12 14.95 -22.74
O2 EDO WA . -13.16 14.01 -23.13
C1 EDO XA . -39.44 33.65 -7.44
O1 EDO XA . -39.50 33.70 -6.00
C2 EDO XA . -40.53 32.82 -8.12
O2 EDO XA . -40.53 33.09 -9.53
C1 EDO YA . -18.78 -4.12 -8.23
O1 EDO YA . -18.87 -5.55 -8.32
C2 EDO YA . -18.47 -3.57 -9.61
O2 EDO YA . -18.47 -2.16 -9.62
C1 EDO ZA . -20.63 -7.80 -22.97
O1 EDO ZA . -21.94 -7.20 -22.98
C2 EDO ZA . -20.28 -8.25 -24.37
O2 EDO ZA . -21.23 -9.21 -24.84
C1 EDO AB . -14.00 -10.77 -6.28
O1 EDO AB . -14.56 -10.53 -4.98
C2 EDO AB . -14.48 -9.73 -7.27
O2 EDO AB . -13.41 -9.43 -8.18
C1 EDO BB . 3.52 -6.15 -12.08
O1 EDO BB . 3.68 -4.74 -12.05
C2 EDO BB . 3.58 -6.65 -10.65
O2 EDO BB . 3.13 -8.00 -10.56
C1 EDO CB . -21.68 -8.35 -32.42
O1 EDO CB . -21.39 -9.71 -32.04
C2 EDO CB . -20.59 -7.82 -33.36
O2 EDO CB . -21.14 -7.00 -34.41
C1 EDO DB . -28.50 2.09 -12.16
O1 EDO DB . -28.24 3.21 -11.29
C2 EDO DB . -27.45 2.11 -13.26
O2 EDO DB . -27.97 1.45 -14.41
C1 EDO EB . -26.46 7.56 -33.65
O1 EDO EB . -26.32 8.98 -33.63
C2 EDO EB . -27.51 7.13 -32.63
O2 EDO EB . -27.75 5.71 -32.67
C1 EDO FB . -11.30 4.57 -42.73
O1 EDO FB . -12.56 4.38 -42.06
C2 EDO FB . -10.53 3.26 -42.78
O2 EDO FB . -9.46 3.33 -43.73
C1 EDO GB . -22.60 15.32 -2.56
O1 EDO GB . -22.70 16.75 -2.66
C2 EDO GB . -21.18 14.92 -2.21
O2 EDO GB . -20.90 13.64 -2.76
C1 EDO HB . -20.20 -11.72 -9.85
O1 EDO HB . -21.38 -11.04 -9.37
C2 EDO HB . -20.58 -13.10 -10.40
O2 EDO HB . -19.86 -13.39 -11.62
C1 EDO IB . 10.66 13.57 0.33
O1 EDO IB . 10.31 14.66 1.19
C2 EDO IB . 10.44 13.92 -1.13
O2 EDO IB . 9.70 12.88 -1.78
C1 EDO JB . -6.54 15.01 -17.58
O1 EDO JB . -7.82 15.52 -17.23
C2 EDO JB . -6.71 13.57 -17.97
O2 EDO JB . -7.65 13.48 -19.04
C1 EDO KB . -40.27 7.89 -36.65
O1 EDO KB . -40.17 7.83 -35.22
C2 EDO KB . -39.06 7.24 -37.27
O2 EDO KB . -39.29 6.94 -38.64
C1 EDO LB . -8.17 15.04 -4.72
O1 EDO LB . -9.03 13.91 -4.76
C2 EDO LB . -8.23 15.71 -6.08
O2 EDO LB . -7.20 15.16 -6.91
C1 EDO MB . 8.13 27.17 -30.79
O1 EDO MB . 8.35 26.75 -29.44
C2 EDO MB . 8.73 26.19 -31.74
O2 EDO MB . 8.66 26.83 -33.03
C1 EDO NB . -10.27 -9.61 -4.58
O1 EDO NB . -11.51 -10.10 -4.05
C2 EDO NB . -9.70 -10.48 -5.68
O2 EDO NB . -8.28 -10.62 -5.50
C1 EDO OB . -8.82 -17.54 -17.15
O1 EDO OB . -9.36 -16.60 -16.23
C2 EDO OB . -7.34 -17.28 -17.31
O2 EDO OB . -6.97 -17.69 -18.62
C1 EDO PB . -20.14 -16.98 -11.85
O1 EDO PB . -20.00 -16.36 -10.57
C2 EDO PB . -21.56 -16.74 -12.38
O2 EDO PB . -22.52 -17.08 -11.37
C1 EDO QB . -14.18 -19.35 -23.36
O1 EDO QB . -14.07 -18.75 -22.06
C2 EDO QB . -13.10 -20.42 -23.52
O2 EDO QB . -12.42 -20.26 -24.78
C1 EDO RB . -5.14 18.10 -29.09
O1 EDO RB . -5.90 18.84 -28.12
C2 EDO RB . -5.80 18.27 -30.45
O2 EDO RB . -6.13 19.65 -30.67
C1 EDO SB . -16.75 6.22 -33.04
O1 EDO SB . -17.20 7.33 -33.80
C2 EDO SB . -16.21 5.25 -34.03
O2 EDO SB . -16.53 5.73 -35.33
C1 EDO TB . -3.76 15.37 -4.25
O1 EDO TB . -5.00 15.97 -3.89
C2 EDO TB . -3.90 14.74 -5.63
O2 EDO TB . -2.62 14.70 -6.30
C1 EDO UB . -16.91 -6.45 -10.57
O1 EDO UB . -18.33 -6.46 -10.49
C2 EDO UB . -16.53 -6.30 -12.03
O2 EDO UB . -17.45 -5.49 -12.78
C1 EDO VB . -4.14 16.91 -23.28
O1 EDO VB . -4.37 16.61 -24.66
C2 EDO VB . -5.47 17.26 -22.61
O2 EDO VB . -5.93 16.16 -21.83
C1 EDO WB . -25.37 2.37 -34.45
O1 EDO WB . -25.79 1.43 -33.47
C2 EDO WB . -26.40 3.49 -34.56
O2 EDO WB . -25.73 4.73 -34.41
C1 EDO XB . -44.10 22.64 0.50
O1 EDO XB . -45.49 22.98 0.57
C2 EDO XB . -43.70 22.36 -0.95
O2 EDO XB . -44.16 23.39 -1.83
C1 EDO YB . -9.05 -0.61 1.94
O1 EDO YB . -10.32 -0.14 1.47
C2 EDO YB . -7.94 0.40 1.60
O2 EDO YB . -6.78 0.19 2.42
C1 EDO ZB . -46.04 34.05 -0.22
O1 EDO ZB . -47.30 33.97 0.46
C2 EDO ZB . -46.10 33.27 -1.53
O2 EDO ZB . -44.84 32.66 -1.77
C1 EDO AC . 15.90 7.47 -10.37
O1 EDO AC . 14.84 8.34 -10.75
C2 EDO AC . 15.46 6.51 -9.27
O2 EDO AC . 16.50 5.56 -8.98
C1 EDO BC . 14.57 1.56 -18.28
O1 EDO BC . 13.56 2.27 -17.55
C2 EDO BC . 14.48 1.89 -19.77
O2 EDO BC . 14.54 3.31 -19.98
C1 EDO CC . -36.08 6.79 -35.40
O1 EDO CC . -36.85 7.85 -34.83
C2 EDO CC . -35.34 7.30 -36.61
O2 EDO CC . -34.27 6.39 -36.93
C1 GOL DC . 22.62 -0.14 -11.86
O1 GOL DC . 23.90 -0.73 -12.05
C2 GOL DC . 21.57 -0.92 -12.63
O2 GOL DC . 20.27 -0.48 -12.21
C3 GOL DC . 21.76 -0.73 -14.14
O3 GOL DC . 20.67 -1.32 -14.88
C1 GOL EC . 1.10 0.53 -2.24
O1 GOL EC . -0.28 0.14 -2.33
C2 GOL EC . 1.98 -0.66 -2.62
O2 GOL EC . 1.59 -1.83 -1.88
C3 GOL EC . 3.44 -0.35 -2.33
O3 GOL EC . 4.00 0.43 -3.38
C1 GOL FC . -28.50 58.43 11.34
O1 GOL FC . -27.63 59.41 10.73
C2 GOL FC . -29.74 59.06 12.00
O2 GOL FC . -29.64 60.50 12.09
C3 GOL FC . -31.01 58.69 11.21
O3 GOL FC . -30.95 59.12 9.85
C1 GOL GC . -25.85 -1.63 -2.40
O1 GOL GC . -26.48 -0.35 -2.29
C2 GOL GC . -26.79 -2.74 -1.98
O2 GOL GC . -27.17 -2.58 -0.60
C3 GOL GC . -26.10 -4.10 -2.16
O3 GOL GC . -25.93 -4.46 -3.55
C1 NGA HC . -20.01 41.25 -5.03
C2 NGA HC . -21.36 40.57 -4.80
C3 NGA HC . -22.25 41.46 -3.93
C4 NGA HC . -21.53 41.80 -2.63
C5 NGA HC . -20.10 42.27 -2.91
C6 NGA HC . -19.29 42.52 -1.62
C7 NGA HC . -22.32 39.03 -6.47
C8 NGA HC . -22.93 38.96 -7.83
N2 NGA HC . -22.01 40.27 -6.07
O3 NGA HC . -23.50 40.82 -3.71
O4 NGA HC . -21.52 40.67 -1.75
O5 NGA HC . -19.42 41.31 -3.73
O6 NGA HC . -17.98 42.97 -1.97
O7 NGA HC . -22.14 38.02 -5.79
#